data_9FQJ
#
_entry.id   9FQJ
#
_cell.length_a   56.775
_cell.length_b   74.524
_cell.length_c   105.981
_cell.angle_alpha   90.00
_cell.angle_beta   104.84
_cell.angle_gamma   90.00
#
_symmetry.space_group_name_H-M   'P 1 21 1'
#
loop_
_entity.id
_entity.type
_entity.pdbx_description
1 polymer 'E3 ubiquitin-protein ligase CBL-B'
2 non-polymer 2-cyclopropyl-6-methyl-~{N}-[3-[(6~{S})-6-methyl-2-oxidanylidene-1,3-oxazinan-6-yl]phenyl]pyrimidine-4-carboxamide
3 non-polymer 'ZINC ION'
4 non-polymer 'SODIUM ION'
5 water water
#
_entity_poly.entity_id   1
_entity_poly.type   'polypeptide(L)'
_entity_poly.pdbx_seq_one_letter_code
;HMPKQAAADRRTVEKTWKLMDKVVRLCQNPKLQLKNSPPYILDILPDTYQHLRLILSKYDDNQKLAQLSENEYFKIYIDS
LMKKSKRAIRLFKEGKERMYEEQSQDRRNLTKLSLIFSHMLAEIKAIFPNGQFQGDNFRITKADAAEFWRKFFGDKTIVP
WKVFRQCLHEVHQISSGLEAMALKSTIDLTCNDYISVFEFDIFTRLFQPWGSILRNWNFLAVTHPGYMAFLTYDEVKARL
QKYSTKPGSYIFRLSCTRLGQWAIGYVTGDGNILQTIPHNKPLFQALIDGSREGFYLYPDGRSYNPDLTGLCEPTPHDHI
KVTQEQYELYCEMGSTFQLCKICAENDKDVKIEPCGHLMCTSCLTAWQESDGQGCPFCRCEIKGTEPIIVDPFD
;
_entity_poly.pdbx_strand_id   A,B
#
loop_
_chem_comp.id
_chem_comp.type
_chem_comp.name
_chem_comp.formula
A1IE5 non-polymer 2-cyclopropyl-6-methyl-~{N}-[3-[(6~{S})-6-methyl-2-oxidanylidene-1,3-oxazinan-6-yl]phenyl]pyrimidine-4-carboxamide 'C20 H22 N4 O3'
NA non-polymer 'SODIUM ION' 'Na 1'
ZN non-polymer 'ZINC ION' 'Zn 2'
#
# COMPACT_ATOMS: atom_id res chain seq x y z
N LYS A 4 20.42 28.78 -24.07
CA LYS A 4 19.89 29.91 -24.85
C LYS A 4 18.81 29.45 -25.83
N GLN A 5 17.82 30.33 -26.08
CA GLN A 5 16.72 30.03 -26.99
C GLN A 5 16.86 30.84 -28.27
N ALA A 6 16.46 30.27 -29.40
CA ALA A 6 16.53 30.99 -30.69
C ALA A 6 15.46 32.10 -30.78
N ALA A 7 15.63 33.09 -31.69
CA ALA A 7 14.60 34.14 -31.86
C ALA A 7 13.27 33.50 -32.29
N ALA A 8 12.15 33.94 -31.74
CA ALA A 8 10.87 33.32 -32.04
C ALA A 8 10.23 34.02 -33.23
N ASP A 9 10.85 33.84 -34.40
CA ASP A 9 10.34 34.44 -35.62
C ASP A 9 9.15 33.62 -36.16
N ARG A 10 8.51 34.12 -37.21
CA ARG A 10 7.35 33.41 -37.80
C ARG A 10 7.66 31.96 -38.17
N ARG A 11 8.84 31.68 -38.74
CA ARG A 11 9.21 30.32 -39.11
C ARG A 11 9.22 29.38 -37.89
N THR A 12 9.77 29.87 -36.75
CA THR A 12 9.84 29.12 -35.49
C THR A 12 8.46 28.86 -34.90
N VAL A 13 7.58 29.87 -34.92
CA VAL A 13 6.20 29.70 -34.45
C VAL A 13 5.49 28.65 -35.29
N GLU A 14 5.69 28.69 -36.62
CA GLU A 14 5.04 27.70 -37.48
C GLU A 14 5.56 26.29 -37.27
N LYS A 15 6.82 26.13 -36.85
CA LYS A 15 7.36 24.80 -36.55
C LYS A 15 6.59 24.20 -35.36
N THR A 16 6.20 25.03 -34.36
CA THR A 16 5.43 24.53 -33.22
C THR A 16 4.05 24.06 -33.70
N TRP A 17 3.43 24.78 -34.65
CA TRP A 17 2.12 24.38 -35.18
C TRP A 17 2.18 23.00 -35.82
N LYS A 18 3.26 22.73 -36.58
CA LYS A 18 3.40 21.44 -37.25
C LYS A 18 3.59 20.33 -36.22
N LEU A 19 4.35 20.58 -35.14
CA LEU A 19 4.54 19.59 -34.09
C LEU A 19 3.22 19.37 -33.33
N MET A 20 2.49 20.47 -33.02
CA MET A 20 1.19 20.36 -32.33
C MET A 20 0.18 19.61 -33.17
N ASP A 21 0.19 19.80 -34.49
CA ASP A 21 -0.68 19.06 -35.39
C ASP A 21 -0.38 17.55 -35.30
N LYS A 22 0.93 17.15 -35.27
CA LYS A 22 1.25 15.72 -35.12
C LYS A 22 0.72 15.18 -33.80
N VAL A 23 0.87 15.95 -32.70
CA VAL A 23 0.38 15.52 -31.40
C VAL A 23 -1.14 15.31 -31.42
N VAL A 24 -1.91 16.25 -32.02
CA VAL A 24 -3.37 16.13 -32.10
C VAL A 24 -3.73 14.86 -32.89
N ARG A 25 -3.08 14.63 -34.04
CA ARG A 25 -3.35 13.42 -34.84
C ARG A 25 -3.05 12.14 -34.08
N LEU A 26 -1.94 12.09 -33.32
CA LEU A 26 -1.63 10.92 -32.52
C LEU A 26 -2.70 10.71 -31.43
N CYS A 27 -3.19 11.80 -30.85
CA CYS A 27 -4.19 11.74 -29.78
C CYS A 27 -5.59 11.44 -30.27
N GLN A 28 -5.84 11.54 -31.59
CA GLN A 28 -7.14 11.20 -32.17
C GLN A 28 -7.30 9.71 -32.47
N ASN A 29 -6.26 8.89 -32.24
CA ASN A 29 -6.31 7.45 -32.48
C ASN A 29 -7.45 6.83 -31.65
N PRO A 30 -8.39 6.14 -32.33
CA PRO A 30 -9.53 5.57 -31.59
C PRO A 30 -9.14 4.57 -30.49
N LYS A 31 -7.95 3.93 -30.63
CA LYS A 31 -7.47 2.98 -29.63
C LYS A 31 -7.19 3.65 -28.27
N LEU A 32 -6.85 4.96 -28.27
CA LEU A 32 -6.58 5.66 -27.02
C LEU A 32 -7.79 5.78 -26.12
N GLN A 33 -9.00 6.00 -26.69
CA GLN A 33 -10.23 6.22 -25.92
C GLN A 33 -10.02 7.38 -24.93
N LEU A 34 -9.41 8.46 -25.45
CA LEU A 34 -9.06 9.64 -24.67
C LEU A 34 -10.33 10.33 -24.21
N LYS A 35 -10.52 10.49 -22.90
CA LYS A 35 -11.72 11.14 -22.38
C LYS A 35 -11.76 12.66 -22.57
N ASN A 36 -12.95 13.20 -22.85
CA ASN A 36 -13.17 14.62 -23.02
C ASN A 36 -13.42 15.23 -21.64
N SER A 37 -12.33 15.50 -20.93
CA SER A 37 -12.40 16.13 -19.63
C SER A 37 -11.07 16.87 -19.41
N PRO A 38 -11.14 18.03 -18.79
CA PRO A 38 -9.91 18.85 -18.65
C PRO A 38 -8.85 18.17 -17.81
N PRO A 39 -7.57 18.24 -18.21
CA PRO A 39 -7.05 18.91 -19.42
C PRO A 39 -7.18 18.01 -20.66
N TYR A 40 -7.86 18.50 -21.68
CA TYR A 40 -8.14 17.77 -22.93
C TYR A 40 -7.26 18.29 -24.01
N ILE A 41 -6.21 17.57 -24.31
CA ILE A 41 -5.24 17.97 -25.32
C ILE A 41 -5.85 18.30 -26.68
N LEU A 42 -6.98 17.64 -27.07
CA LEU A 42 -7.64 17.90 -28.35
C LEU A 42 -8.36 19.25 -28.41
N ASP A 43 -8.57 19.91 -27.24
CA ASP A 43 -9.12 21.25 -27.20
C ASP A 43 -7.97 22.24 -27.00
N ILE A 44 -7.04 21.90 -26.07
CA ILE A 44 -5.93 22.78 -25.72
C ILE A 44 -5.02 23.12 -26.90
N LEU A 45 -4.58 22.12 -27.69
CA LEU A 45 -3.61 22.44 -28.77
C LEU A 45 -4.24 23.32 -29.87
N PRO A 46 -5.46 23.04 -30.36
CA PRO A 46 -6.12 23.99 -31.28
C PRO A 46 -6.27 25.39 -30.66
N ASP A 47 -6.57 25.49 -29.34
CA ASP A 47 -6.72 26.80 -28.69
C ASP A 47 -5.34 27.53 -28.56
N THR A 48 -4.26 26.76 -28.45
CA THR A 48 -2.92 27.32 -28.37
C THR A 48 -2.56 27.86 -29.75
N TYR A 49 -2.87 27.10 -30.85
CA TYR A 49 -2.62 27.61 -32.20
C TYR A 49 -3.42 28.95 -32.38
N GLN A 50 -4.68 28.96 -31.94
CA GLN A 50 -5.53 30.15 -32.11
C GLN A 50 -4.95 31.37 -31.40
N HIS A 51 -4.43 31.19 -30.17
CA HIS A 51 -3.83 32.32 -29.45
C HIS A 51 -2.54 32.78 -30.14
N LEU A 52 -1.76 31.83 -30.67
CA LEU A 52 -0.53 32.21 -31.41
C LEU A 52 -0.89 32.98 -32.69
N ARG A 53 -1.95 32.56 -33.38
CA ARG A 53 -2.44 33.23 -34.57
C ARG A 53 -2.87 34.67 -34.21
N LEU A 54 -3.54 34.85 -33.07
CA LEU A 54 -3.97 36.16 -32.58
C LEU A 54 -2.76 37.07 -32.27
N ILE A 55 -1.70 36.52 -31.62
CA ILE A 55 -0.50 37.32 -31.37
C ILE A 55 0.11 37.76 -32.69
N LEU A 56 0.24 36.84 -33.66
CA LEU A 56 0.79 37.21 -34.98
C LEU A 56 -0.02 38.30 -35.66
N SER A 57 -1.34 38.26 -35.50
CA SER A 57 -2.21 39.29 -36.10
C SER A 57 -2.00 40.68 -35.49
N LYS A 58 -1.53 40.74 -34.22
CA LYS A 58 -1.28 42.03 -33.55
C LYS A 58 0.08 42.60 -33.86
N TYR A 59 1.08 41.72 -34.10
CA TYR A 59 2.40 42.18 -34.46
C TYR A 59 2.41 42.17 -36.00
N ASP A 60 1.54 43.02 -36.59
CA ASP A 60 1.16 43.08 -38.00
C ASP A 60 2.09 43.85 -38.98
N ASP A 61 3.40 43.89 -38.70
CA ASP A 61 4.39 44.46 -39.61
C ASP A 61 5.80 43.94 -39.26
N ASN A 62 6.80 44.15 -40.13
CA ASN A 62 8.14 43.61 -39.90
C ASN A 62 8.85 44.22 -38.67
N GLN A 63 8.52 45.45 -38.29
CA GLN A 63 9.12 46.06 -37.08
C GLN A 63 8.54 45.37 -35.84
N LYS A 64 7.22 45.22 -35.78
CA LYS A 64 6.55 44.59 -34.65
C LYS A 64 6.94 43.10 -34.54
N LEU A 65 7.08 42.40 -35.69
CA LEU A 65 7.49 41.00 -35.68
C LEU A 65 8.90 40.85 -35.11
N ALA A 66 9.80 41.76 -35.48
CA ALA A 66 11.16 41.74 -34.98
C ALA A 66 11.18 41.91 -33.44
N GLN A 67 10.35 42.82 -32.90
CA GLN A 67 10.27 43.04 -31.45
C GLN A 67 9.68 41.80 -30.75
N LEU A 68 8.60 41.23 -31.32
CA LEU A 68 8.00 39.99 -30.80
C LEU A 68 9.02 38.86 -30.77
N SER A 69 9.77 38.65 -31.85
CA SER A 69 10.73 37.57 -31.94
C SER A 69 11.86 37.64 -30.90
N GLU A 70 12.15 38.83 -30.35
CA GLU A 70 13.22 38.97 -29.35
C GLU A 70 12.70 39.10 -27.92
N ASN A 71 11.37 39.01 -27.69
CA ASN A 71 10.79 39.13 -26.36
C ASN A 71 11.25 37.91 -25.55
N GLU A 72 11.88 38.13 -24.38
CA GLU A 72 12.44 37.06 -23.56
C GLU A 72 11.41 36.00 -23.22
N TYR A 73 10.22 36.40 -22.75
CA TYR A 73 9.18 35.45 -22.41
C TYR A 73 8.74 34.66 -23.65
N PHE A 74 8.46 35.34 -24.77
CA PHE A 74 7.97 34.67 -25.96
C PHE A 74 8.98 33.67 -26.49
N LYS A 75 10.29 33.98 -26.43
CA LYS A 75 11.32 33.01 -26.86
C LYS A 75 11.28 31.77 -26.00
N ILE A 76 11.15 31.95 -24.68
CA ILE A 76 11.09 30.81 -23.76
C ILE A 76 9.82 30.01 -23.98
N TYR A 77 8.70 30.71 -24.15
CA TYR A 77 7.40 30.02 -24.38
C TYR A 77 7.48 29.12 -25.66
N ILE A 78 7.93 29.68 -26.77
CA ILE A 78 7.98 28.93 -28.03
C ILE A 78 8.95 27.78 -27.92
N ASP A 79 10.11 28.00 -27.28
CA ASP A 79 11.08 26.92 -27.05
C ASP A 79 10.44 25.80 -26.21
N SER A 80 9.70 26.17 -25.15
CA SER A 80 9.07 25.16 -24.27
C SER A 80 7.98 24.40 -25.04
N LEU A 81 7.18 25.10 -25.84
CA LEU A 81 6.11 24.49 -26.60
C LEU A 81 6.67 23.47 -27.62
N MET A 82 7.77 23.83 -28.25
CA MET A 82 8.49 22.97 -29.20
C MET A 82 8.96 21.69 -28.48
N LYS A 83 9.57 21.84 -27.30
CA LYS A 83 10.11 20.74 -26.51
C LYS A 83 9.04 19.83 -25.97
N LYS A 84 7.93 20.40 -25.47
CA LYS A 84 6.85 19.59 -24.91
C LYS A 84 6.13 18.83 -26.03
N SER A 85 5.96 19.46 -27.21
CA SER A 85 5.30 18.80 -28.34
C SER A 85 6.18 17.68 -28.84
N LYS A 86 7.53 17.91 -28.92
CA LYS A 86 8.44 16.84 -29.31
C LYS A 86 8.41 15.72 -28.29
N ARG A 87 8.32 16.05 -27.00
CA ARG A 87 8.22 15.04 -25.95
C ARG A 87 6.98 14.21 -26.07
N ALA A 88 5.83 14.81 -26.43
CA ALA A 88 4.59 14.06 -26.60
C ALA A 88 4.69 13.08 -27.80
N ILE A 89 5.35 13.50 -28.87
CA ILE A 89 5.56 12.64 -30.06
C ILE A 89 6.43 11.45 -29.66
N ARG A 90 7.53 11.73 -28.92
CA ARG A 90 8.44 10.71 -28.42
C ARG A 90 7.73 9.73 -27.48
N LEU A 91 6.81 10.24 -26.66
CA LEU A 91 6.00 9.42 -25.77
C LEU A 91 5.26 8.31 -26.52
N PHE A 92 4.61 8.66 -27.64
CA PHE A 92 3.90 7.71 -28.49
C PHE A 92 4.89 6.76 -29.19
N LYS A 93 6.03 7.28 -29.67
CA LYS A 93 7.06 6.50 -30.37
C LYS A 93 7.65 5.40 -29.47
N GLU A 94 7.91 5.73 -28.21
CA GLU A 94 8.53 4.79 -27.27
C GLU A 94 7.48 3.94 -26.51
N GLY A 95 6.29 4.50 -26.31
CA GLY A 95 5.19 3.88 -25.57
C GLY A 95 4.50 2.77 -26.31
N LYS A 96 4.46 2.89 -27.65
CA LYS A 96 3.83 1.89 -28.52
C LYS A 96 2.42 1.47 -28.04
N GLU A 97 2.14 0.14 -27.82
CA GLU A 97 0.83 -0.34 -27.40
C GLU A 97 0.43 0.05 -26.00
N ARG A 98 1.41 0.39 -25.14
CA ARG A 98 1.09 0.86 -23.77
C ARG A 98 0.31 2.18 -23.76
N MET A 99 0.34 2.94 -24.89
CA MET A 99 -0.48 4.16 -24.98
C MET A 99 -1.98 3.80 -24.97
N TYR A 100 -2.34 2.56 -25.36
CA TYR A 100 -3.74 2.15 -25.39
C TYR A 100 -4.22 1.50 -24.10
N GLU A 101 -3.40 1.54 -23.03
CA GLU A 101 -3.78 1.01 -21.73
C GLU A 101 -3.87 2.24 -20.85
N GLU A 102 -5.08 2.60 -20.47
CA GLU A 102 -5.39 3.79 -19.69
C GLU A 102 -4.59 3.92 -18.36
N GLN A 103 -4.26 2.79 -17.73
CA GLN A 103 -3.54 2.75 -16.45
C GLN A 103 -2.00 2.69 -16.58
N SER A 104 -1.47 2.69 -17.80
CA SER A 104 -0.02 2.59 -17.98
C SER A 104 0.70 3.86 -17.51
N GLN A 105 1.99 3.73 -17.18
CA GLN A 105 2.80 4.88 -16.82
C GLN A 105 2.91 5.83 -18.05
N ASP A 106 2.95 5.27 -19.28
CA ASP A 106 2.99 6.08 -20.50
C ASP A 106 1.73 6.98 -20.58
N ARG A 107 0.54 6.42 -20.30
CA ARG A 107 -0.68 7.24 -20.31
C ARG A 107 -0.72 8.24 -19.16
N ARG A 108 -0.13 7.89 -18.01
CA ARG A 108 -0.01 8.82 -16.90
C ARG A 108 0.89 10.01 -17.33
N ASN A 109 1.97 9.73 -18.10
CA ASN A 109 2.86 10.76 -18.62
C ASN A 109 2.15 11.65 -19.62
N LEU A 110 1.22 11.08 -20.42
CA LEU A 110 0.42 11.91 -21.34
C LEU A 110 -0.45 12.87 -20.52
N THR A 111 -1.00 12.42 -19.36
CA THR A 111 -1.78 13.32 -18.52
C THR A 111 -0.92 14.45 -17.95
N LYS A 112 0.34 14.14 -17.56
CA LYS A 112 1.26 15.18 -17.09
C LYS A 112 1.48 16.22 -18.21
N LEU A 113 1.71 15.75 -19.47
CA LEU A 113 1.91 16.68 -20.58
C LEU A 113 0.62 17.49 -20.83
N SER A 114 -0.56 16.86 -20.77
CA SER A 114 -1.83 17.57 -21.02
C SER A 114 -2.00 18.71 -19.99
N LEU A 115 -1.64 18.46 -18.73
CA LEU A 115 -1.71 19.49 -17.70
C LEU A 115 -0.73 20.64 -18.05
N ILE A 116 0.50 20.28 -18.47
CA ILE A 116 1.48 21.29 -18.85
C ILE A 116 0.97 22.15 -20.00
N PHE A 117 0.41 21.51 -21.05
CA PHE A 117 -0.12 22.28 -22.18
C PHE A 117 -1.25 23.20 -21.74
N SER A 118 -2.10 22.72 -20.82
CA SER A 118 -3.23 23.52 -20.31
C SER A 118 -2.68 24.76 -19.57
N HIS A 119 -1.67 24.54 -18.70
CA HIS A 119 -1.06 25.66 -17.95
C HIS A 119 -0.33 26.63 -18.87
N MET A 120 0.33 26.14 -19.92
CA MET A 120 1.01 27.05 -20.86
C MET A 120 0.02 27.91 -21.62
N LEU A 121 -1.15 27.36 -21.94
CA LEU A 121 -2.18 28.11 -22.65
C LEU A 121 -2.72 29.21 -21.71
N ALA A 122 -2.98 28.87 -20.46
CA ALA A 122 -3.43 29.88 -19.47
C ALA A 122 -2.37 30.97 -19.29
N GLU A 123 -1.08 30.55 -19.27
CA GLU A 123 0.01 31.51 -19.12
C GLU A 123 0.11 32.49 -20.30
N ILE A 124 0.09 31.98 -21.54
CA ILE A 124 0.23 32.85 -22.72
C ILE A 124 -0.97 33.78 -22.84
N LYS A 125 -2.16 33.35 -22.40
CA LYS A 125 -3.34 34.21 -22.44
C LYS A 125 -3.23 35.31 -21.42
N ALA A 126 -2.56 35.07 -20.27
CA ALA A 126 -2.40 36.08 -19.24
C ALA A 126 -1.28 37.07 -19.56
N ILE A 127 -0.20 36.60 -20.21
CA ILE A 127 0.96 37.42 -20.55
C ILE A 127 0.73 38.19 -21.86
N PHE A 128 0.01 37.61 -22.81
CA PHE A 128 -0.34 38.27 -24.06
C PHE A 128 -1.87 38.37 -24.15
N PRO A 129 -2.52 39.12 -23.22
CA PRO A 129 -3.98 39.23 -23.30
C PRO A 129 -4.37 39.95 -24.59
N ASN A 130 -5.38 39.40 -25.29
CA ASN A 130 -5.81 39.92 -26.60
C ASN A 130 -4.67 39.95 -27.63
N GLY A 131 -3.68 39.09 -27.47
CA GLY A 131 -2.54 38.96 -28.36
C GLY A 131 -1.42 39.96 -28.20
N GLN A 132 -1.50 40.85 -27.22
CA GLN A 132 -0.49 41.90 -27.04
C GLN A 132 0.29 41.68 -25.75
N PHE A 133 1.62 41.79 -25.81
CA PHE A 133 2.48 41.57 -24.64
C PHE A 133 2.25 42.56 -23.55
N GLN A 134 1.91 42.07 -22.35
CA GLN A 134 1.74 42.90 -21.14
C GLN A 134 2.53 42.34 -19.94
N GLY A 135 3.49 41.45 -20.17
CA GLY A 135 4.22 40.80 -19.07
C GLY A 135 4.90 41.75 -18.13
N ASP A 136 5.46 42.83 -18.68
CA ASP A 136 6.16 43.85 -17.90
C ASP A 136 5.24 44.71 -17.01
N ASN A 137 3.92 44.69 -17.30
CA ASN A 137 2.86 45.39 -16.58
C ASN A 137 1.97 44.43 -15.82
N PHE A 138 2.39 43.17 -15.61
CA PHE A 138 1.52 42.16 -14.98
C PHE A 138 1.19 42.57 -13.57
N ARG A 139 -0.08 42.51 -13.21
CA ARG A 139 -0.50 42.86 -11.84
C ARG A 139 -0.60 41.59 -10.99
N ILE A 140 0.32 41.43 -10.03
CA ILE A 140 0.30 40.34 -9.08
C ILE A 140 -0.81 40.67 -8.07
N THR A 141 -1.72 39.74 -7.82
CA THR A 141 -2.91 39.94 -6.97
C THR A 141 -2.58 40.34 -5.52
N LYS A 142 -1.53 39.74 -4.94
CA LYS A 142 -1.16 40.09 -3.56
C LYS A 142 0.00 41.09 -3.57
N ALA A 143 -0.22 42.30 -3.05
CA ALA A 143 0.81 43.36 -3.04
C ALA A 143 2.10 42.98 -2.31
N ASP A 144 2.02 42.23 -1.18
CA ASP A 144 3.27 41.85 -0.47
C ASP A 144 4.09 40.85 -1.31
N ALA A 145 3.42 39.96 -2.04
CA ALA A 145 4.10 39.07 -2.97
C ALA A 145 4.66 39.89 -4.14
N ALA A 146 3.88 40.87 -4.66
CA ALA A 146 4.30 41.69 -5.79
C ALA A 146 5.59 42.46 -5.41
N GLU A 147 5.68 42.95 -4.16
CA GLU A 147 6.87 43.69 -3.68
C GLU A 147 8.11 42.79 -3.69
N PHE A 148 7.95 41.48 -3.39
CA PHE A 148 9.07 40.54 -3.44
C PHE A 148 9.53 40.39 -4.90
N TRP A 149 8.59 40.15 -5.84
CA TRP A 149 8.96 39.97 -7.24
C TRP A 149 9.67 41.24 -7.79
N ARG A 150 9.13 42.42 -7.48
CA ARG A 150 9.73 43.67 -7.96
C ARG A 150 11.12 43.91 -7.34
N LYS A 151 11.27 43.55 -6.07
CA LYS A 151 12.58 43.72 -5.42
C LYS A 151 13.65 42.87 -6.11
N PHE A 152 13.42 41.55 -6.22
CA PHE A 152 14.45 40.67 -6.73
C PHE A 152 14.50 40.54 -8.22
N PHE A 153 13.40 40.83 -8.92
CA PHE A 153 13.38 40.61 -10.38
C PHE A 153 12.93 41.81 -11.20
N GLY A 154 12.65 42.94 -10.55
CA GLY A 154 12.17 44.14 -11.21
C GLY A 154 10.92 43.92 -12.04
N ASP A 155 11.00 44.31 -13.32
CA ASP A 155 9.87 44.15 -14.21
C ASP A 155 9.99 42.91 -15.12
N LYS A 156 10.84 41.92 -14.74
CA LYS A 156 10.95 40.69 -15.52
C LYS A 156 9.61 39.98 -15.57
N THR A 157 9.31 39.38 -16.70
CA THR A 157 8.10 38.55 -16.83
C THR A 157 8.45 37.08 -16.41
N ILE A 158 9.73 36.68 -16.53
CA ILE A 158 10.10 35.29 -16.29
C ILE A 158 11.54 35.20 -15.82
N VAL A 159 11.84 34.27 -14.90
CA VAL A 159 13.20 34.14 -14.35
C VAL A 159 13.53 32.66 -14.21
N PRO A 160 14.81 32.28 -14.32
CA PRO A 160 15.15 30.86 -14.14
C PRO A 160 14.75 30.38 -12.72
N TRP A 161 14.33 29.10 -12.60
CA TRP A 161 14.00 28.52 -11.29
C TRP A 161 15.18 28.69 -10.30
N LYS A 162 16.42 28.45 -10.77
CA LYS A 162 17.62 28.52 -9.93
C LYS A 162 17.71 29.88 -9.20
N VAL A 163 17.48 31.00 -9.94
CA VAL A 163 17.53 32.37 -9.42
C VAL A 163 16.33 32.63 -8.50
N PHE A 164 15.12 32.19 -8.94
CA PHE A 164 13.92 32.36 -8.13
C PHE A 164 14.07 31.69 -6.76
N ARG A 165 14.51 30.43 -6.72
CA ARG A 165 14.65 29.67 -5.48
C ARG A 165 15.62 30.35 -4.52
N GLN A 166 16.79 30.80 -5.03
CA GLN A 166 17.79 31.45 -4.19
C GLN A 166 17.25 32.75 -3.60
N CYS A 167 16.46 33.50 -4.39
CA CYS A 167 15.90 34.74 -3.90
C CYS A 167 14.76 34.51 -2.92
N LEU A 168 13.94 33.49 -3.17
CA LEU A 168 12.85 33.17 -2.23
C LEU A 168 13.43 32.73 -0.88
N HIS A 169 14.52 31.97 -0.92
CA HIS A 169 15.20 31.55 0.31
C HIS A 169 15.65 32.71 1.19
N GLU A 170 15.98 33.87 0.57
CA GLU A 170 16.38 35.04 1.38
C GLU A 170 15.25 35.58 2.25
N VAL A 171 13.98 35.30 1.88
CA VAL A 171 12.82 35.78 2.61
C VAL A 171 12.16 34.66 3.41
N HIS A 172 11.96 33.51 2.77
CA HIS A 172 11.35 32.32 3.38
C HIS A 172 12.33 31.15 3.19
N GLN A 173 12.99 30.73 4.27
CA GLN A 173 14.00 29.68 4.17
C GLN A 173 13.41 28.35 3.75
N ILE A 174 14.11 27.70 2.79
CA ILE A 174 13.80 26.36 2.30
C ILE A 174 14.83 25.46 2.97
N SER A 175 14.37 24.46 3.70
CA SER A 175 15.27 23.68 4.57
C SER A 175 15.97 22.47 3.97
N SER A 176 15.59 22.06 2.74
CA SER A 176 16.22 20.88 2.14
C SER A 176 16.07 20.86 0.63
N GLY A 177 16.84 19.99 -0.03
CA GLY A 177 16.75 19.84 -1.47
C GLY A 177 15.42 19.25 -1.85
N LEU A 178 14.92 18.27 -1.05
CA LEU A 178 13.62 17.68 -1.37
C LEU A 178 12.49 18.68 -1.24
N GLU A 179 12.58 19.57 -0.22
CA GLU A 179 11.54 20.60 -0.06
C GLU A 179 11.59 21.54 -1.26
N ALA A 180 12.79 21.95 -1.68
CA ALA A 180 12.93 22.84 -2.86
C ALA A 180 12.41 22.14 -4.12
N MET A 181 12.60 20.81 -4.22
CA MET A 181 12.12 20.04 -5.38
C MET A 181 10.59 20.05 -5.39
N ALA A 182 9.95 19.78 -4.23
CA ALA A 182 8.48 19.80 -4.11
C ALA A 182 7.93 21.21 -4.44
N LEU A 183 8.66 22.25 -3.99
CA LEU A 183 8.30 23.65 -4.25
C LEU A 183 8.39 23.98 -5.74
N LYS A 184 9.47 23.53 -6.43
CA LYS A 184 9.57 23.74 -7.89
C LYS A 184 8.38 23.07 -8.59
N SER A 185 8.04 21.81 -8.20
CA SER A 185 6.93 21.09 -8.83
C SER A 185 5.61 21.87 -8.67
N THR A 186 5.46 22.56 -7.55
CA THR A 186 4.24 23.30 -7.24
C THR A 186 4.17 24.61 -8.05
N ILE A 187 5.27 25.35 -8.15
CA ILE A 187 5.25 26.67 -8.83
C ILE A 187 5.50 26.61 -10.33
N ASP A 188 6.48 25.81 -10.75
CA ASP A 188 6.81 25.66 -12.17
C ASP A 188 5.76 24.70 -12.78
N LEU A 189 4.56 25.22 -12.98
CA LEU A 189 3.46 24.44 -13.53
C LEU A 189 3.71 24.09 -15.00
N THR A 190 4.42 24.97 -15.74
CA THR A 190 4.72 24.67 -17.16
C THR A 190 5.90 23.70 -17.32
N CYS A 191 6.56 23.32 -16.22
CA CYS A 191 7.67 22.38 -16.22
C CYS A 191 8.76 22.75 -17.22
N ASN A 192 9.12 24.04 -17.26
CA ASN A 192 10.17 24.49 -18.19
C ASN A 192 11.42 24.99 -17.48
N ASP A 193 11.54 24.80 -16.15
CA ASP A 193 12.69 25.28 -15.34
C ASP A 193 12.74 26.83 -15.20
N TYR A 194 11.63 27.51 -15.54
CA TYR A 194 11.51 28.95 -15.32
C TYR A 194 10.28 29.24 -14.45
N ILE A 195 10.25 30.39 -13.76
CA ILE A 195 9.10 30.82 -13.01
C ILE A 195 8.62 32.12 -13.69
N SER A 196 7.41 32.10 -14.30
CA SER A 196 6.87 33.32 -14.88
C SER A 196 6.13 34.11 -13.78
N VAL A 197 5.93 35.41 -14.00
CA VAL A 197 5.19 36.24 -13.01
C VAL A 197 3.73 35.69 -12.86
N PHE A 198 3.20 35.03 -13.91
CA PHE A 198 1.89 34.40 -13.86
C PHE A 198 1.94 33.18 -12.91
N GLU A 199 2.96 32.31 -13.05
CA GLU A 199 3.09 31.17 -12.14
C GLU A 199 3.27 31.65 -10.71
N PHE A 200 4.05 32.72 -10.52
CA PHE A 200 4.23 33.31 -9.17
C PHE A 200 2.87 33.83 -8.61
N ASP A 201 2.08 34.49 -9.46
CA ASP A 201 0.78 35.01 -9.06
C ASP A 201 -0.14 33.86 -8.61
N ILE A 202 -0.14 32.75 -9.36
CA ILE A 202 -1.00 31.59 -8.99
C ILE A 202 -0.57 31.03 -7.63
N PHE A 203 0.75 30.82 -7.44
CA PHE A 203 1.24 30.21 -6.20
C PHE A 203 0.92 31.12 -4.99
N THR A 204 1.14 32.45 -5.12
CA THR A 204 0.94 33.36 -3.98
C THR A 204 -0.56 33.58 -3.69
N ARG A 205 -1.42 33.43 -4.66
CA ARG A 205 -2.87 33.49 -4.42
C ARG A 205 -3.32 32.21 -3.64
N LEU A 206 -2.83 31.07 -4.07
CA LEU A 206 -3.22 29.80 -3.42
C LEU A 206 -2.75 29.70 -1.98
N PHE A 207 -1.51 30.11 -1.75
CA PHE A 207 -0.89 29.88 -0.44
C PHE A 207 -0.73 31.13 0.40
N GLN A 208 -1.51 32.18 0.09
CA GLN A 208 -1.50 33.41 0.88
C GLN A 208 -1.94 33.11 2.33
N PRO A 209 -1.51 33.92 3.34
CA PRO A 209 -0.74 35.18 3.20
C PRO A 209 0.76 34.94 2.94
N TRP A 210 1.34 35.86 2.18
CA TRP A 210 2.76 35.82 1.81
C TRP A 210 3.70 35.66 3.01
N GLY A 211 3.39 36.33 4.12
CA GLY A 211 4.25 36.34 5.31
C GLY A 211 4.53 34.98 5.90
N SER A 212 3.65 33.98 5.60
CA SER A 212 3.89 32.61 6.11
C SER A 212 3.65 31.60 4.97
N ILE A 213 3.93 32.00 3.72
CA ILE A 213 3.59 31.23 2.52
C ILE A 213 4.11 29.79 2.54
N LEU A 214 5.39 29.56 2.93
CA LEU A 214 5.89 28.19 2.91
C LEU A 214 5.29 27.33 4.02
N ARG A 215 4.87 27.92 5.15
CA ARG A 215 4.18 27.15 6.19
C ARG A 215 2.80 26.74 5.67
N ASN A 216 2.09 27.67 5.02
CA ASN A 216 0.75 27.42 4.44
C ASN A 216 0.83 26.31 3.41
N TRP A 217 1.87 26.36 2.55
CA TRP A 217 2.06 25.36 1.52
C TRP A 217 2.43 23.99 2.09
N ASN A 218 3.43 23.93 2.96
CA ASN A 218 3.82 22.66 3.58
C ASN A 218 2.63 22.02 4.33
N PHE A 219 1.82 22.84 5.03
CA PHE A 219 0.69 22.28 5.78
C PHE A 219 -0.46 21.86 4.80
N LEU A 220 -1.00 22.80 4.03
CA LEU A 220 -2.17 22.58 3.17
C LEU A 220 -1.95 21.65 1.99
N ALA A 221 -0.83 21.75 1.31
CA ALA A 221 -0.60 20.90 0.14
C ALA A 221 0.21 19.65 0.42
N VAL A 222 1.34 19.77 1.11
CA VAL A 222 2.22 18.61 1.26
C VAL A 222 1.74 17.60 2.29
N THR A 223 1.14 18.05 3.42
CA THR A 223 0.78 17.09 4.46
C THR A 223 -0.73 16.94 4.76
N HIS A 224 -1.58 17.90 4.33
CA HIS A 224 -3.00 17.84 4.71
C HIS A 224 -3.76 16.73 3.96
N PRO A 225 -4.53 15.88 4.68
CA PRO A 225 -5.22 14.76 4.01
C PRO A 225 -6.34 15.17 3.06
N GLY A 226 -6.84 16.39 3.20
CA GLY A 226 -7.93 16.86 2.33
C GLY A 226 -7.44 17.32 0.96
N TYR A 227 -6.11 17.49 0.78
CA TYR A 227 -5.54 18.02 -0.45
C TYR A 227 -5.60 16.97 -1.58
N MET A 228 -6.16 17.35 -2.72
CA MET A 228 -6.33 16.40 -3.83
C MET A 228 -5.62 16.78 -5.13
N ALA A 229 -4.79 17.82 -5.11
CA ALA A 229 -4.09 18.27 -6.31
C ALA A 229 -5.10 18.64 -7.48
N PHE A 230 -4.79 18.48 -8.79
CA PHE A 230 -5.69 18.89 -9.84
C PHE A 230 -6.75 17.81 -10.03
N LEU A 231 -8.00 18.17 -9.77
CA LEU A 231 -9.11 17.23 -10.04
C LEU A 231 -10.17 17.95 -10.87
N THR A 232 -10.94 17.18 -11.61
CA THR A 232 -12.16 17.71 -12.23
C THR A 232 -13.30 17.53 -11.18
N TYR A 233 -14.47 18.19 -11.37
CA TYR A 233 -15.59 17.92 -10.46
C TYR A 233 -16.03 16.43 -10.48
N ASP A 234 -15.97 15.75 -11.67
CA ASP A 234 -16.31 14.32 -11.71
C ASP A 234 -15.41 13.52 -10.77
N GLU A 235 -14.13 13.88 -10.72
CA GLU A 235 -13.13 13.24 -9.85
C GLU A 235 -13.37 13.57 -8.37
N VAL A 236 -13.84 14.77 -8.07
CA VAL A 236 -14.17 15.16 -6.68
C VAL A 236 -15.33 14.28 -6.21
N LYS A 237 -16.39 14.16 -7.06
CA LYS A 237 -17.56 13.33 -6.72
C LYS A 237 -17.15 11.89 -6.52
N ALA A 238 -16.26 11.36 -7.37
CA ALA A 238 -15.79 9.98 -7.26
C ALA A 238 -15.00 9.75 -5.97
N ARG A 239 -14.25 10.76 -5.53
CA ARG A 239 -13.48 10.66 -4.30
C ARG A 239 -14.41 10.69 -3.09
N LEU A 240 -15.42 11.58 -3.12
CA LEU A 240 -16.31 11.77 -1.95
C LEU A 240 -17.50 10.81 -1.89
N GLN A 241 -17.81 10.13 -3.01
CA GLN A 241 -18.98 9.25 -3.10
C GLN A 241 -19.03 8.23 -1.96
N LYS A 242 -17.87 7.64 -1.63
CA LYS A 242 -17.83 6.63 -0.54
C LYS A 242 -18.15 7.21 0.84
N TYR A 243 -18.11 8.54 0.98
CA TYR A 243 -18.43 9.19 2.24
C TYR A 243 -19.74 9.93 2.16
N SER A 244 -20.63 9.59 1.20
CA SER A 244 -21.90 10.28 1.09
C SER A 244 -22.79 10.04 2.32
N THR A 245 -22.55 8.97 3.12
CA THR A 245 -23.33 8.75 4.35
C THR A 245 -22.62 9.39 5.57
N LYS A 246 -21.53 10.14 5.37
CA LYS A 246 -20.81 10.84 6.45
C LYS A 246 -20.79 12.34 6.14
N PRO A 247 -21.89 13.05 6.43
CA PRO A 247 -21.89 14.52 6.23
C PRO A 247 -20.70 15.21 6.92
N GLY A 248 -20.13 16.22 6.26
CA GLY A 248 -18.94 16.87 6.79
C GLY A 248 -17.66 16.36 6.17
N SER A 249 -17.72 15.21 5.43
CA SER A 249 -16.55 14.72 4.70
C SER A 249 -16.20 15.75 3.59
N TYR A 250 -14.92 16.08 3.41
CA TYR A 250 -14.55 17.14 2.46
C TYR A 250 -13.21 16.92 1.86
N ILE A 251 -12.96 17.57 0.72
CA ILE A 251 -11.63 17.59 0.14
C ILE A 251 -11.48 18.98 -0.53
N PHE A 252 -10.24 19.37 -0.85
CA PHE A 252 -10.03 20.61 -1.59
C PHE A 252 -9.09 20.33 -2.75
N ARG A 253 -9.39 20.95 -3.90
CA ARG A 253 -8.63 20.64 -5.11
C ARG A 253 -8.29 21.89 -5.87
N LEU A 254 -7.34 21.76 -6.78
CA LEU A 254 -6.95 22.72 -7.77
C LEU A 254 -7.72 22.40 -9.03
N SER A 255 -7.87 23.38 -9.91
CA SER A 255 -8.60 23.17 -11.14
C SER A 255 -7.80 23.74 -12.29
N CYS A 256 -7.57 22.92 -13.33
CA CYS A 256 -6.78 23.41 -14.44
C CYS A 256 -7.54 24.53 -15.20
N THR A 257 -8.89 24.65 -15.03
CA THR A 257 -9.66 25.71 -15.68
C THR A 257 -9.96 26.92 -14.76
N ARG A 258 -9.42 26.93 -13.55
CA ARG A 258 -9.61 28.02 -12.58
C ARG A 258 -8.29 28.13 -11.83
N LEU A 259 -7.22 28.51 -12.55
CA LEU A 259 -5.91 28.55 -11.88
C LEU A 259 -5.86 29.63 -10.80
N GLY A 260 -5.16 29.33 -9.71
CA GLY A 260 -5.00 30.24 -8.60
C GLY A 260 -6.13 30.22 -7.59
N GLN A 261 -7.14 29.36 -7.79
CA GLN A 261 -8.23 29.26 -6.82
C GLN A 261 -8.44 27.84 -6.37
N TRP A 262 -8.86 27.70 -5.10
CA TRP A 262 -9.22 26.42 -4.53
C TRP A 262 -10.71 26.14 -4.75
N ALA A 263 -11.08 24.85 -4.74
CA ALA A 263 -12.48 24.45 -4.80
C ALA A 263 -12.63 23.41 -3.70
N ILE A 264 -13.54 23.63 -2.75
CA ILE A 264 -13.75 22.67 -1.65
C ILE A 264 -14.99 21.85 -1.91
N GLY A 265 -14.85 20.53 -2.10
CA GLY A 265 -16.02 19.67 -2.28
C GLY A 265 -16.36 19.09 -0.92
N TYR A 266 -17.66 18.96 -0.61
CA TYR A 266 -18.06 18.46 0.70
C TYR A 266 -19.38 17.74 0.65
N VAL A 267 -19.61 16.82 1.61
CA VAL A 267 -20.85 16.08 1.73
C VAL A 267 -21.82 16.84 2.64
N THR A 268 -23.03 17.10 2.14
CA THR A 268 -24.05 17.84 2.89
C THR A 268 -24.76 16.89 3.89
N GLY A 269 -25.60 17.46 4.77
CA GLY A 269 -26.40 16.66 5.68
C GLY A 269 -27.36 15.72 4.98
N ASP A 270 -27.76 16.04 3.73
CA ASP A 270 -28.68 15.15 3.02
C ASP A 270 -27.97 14.17 2.06
N GLY A 271 -26.64 14.05 2.18
CA GLY A 271 -25.89 13.09 1.38
C GLY A 271 -25.47 13.54 0.01
N ASN A 272 -25.69 14.81 -0.35
CA ASN A 272 -25.26 15.31 -1.65
C ASN A 272 -23.83 15.83 -1.57
N ILE A 273 -23.15 15.92 -2.70
CA ILE A 273 -21.80 16.43 -2.76
C ILE A 273 -21.85 17.79 -3.44
N LEU A 274 -21.53 18.85 -2.72
CA LEU A 274 -21.51 20.21 -3.28
C LEU A 274 -20.10 20.79 -3.23
N GLN A 275 -19.92 21.97 -3.82
CA GLN A 275 -18.62 22.62 -3.70
C GLN A 275 -18.77 24.13 -3.47
N THR A 276 -17.73 24.72 -2.90
CA THR A 276 -17.62 26.15 -2.63
C THR A 276 -16.25 26.61 -3.17
N ILE A 277 -16.19 27.82 -3.73
CA ILE A 277 -14.93 28.41 -4.17
C ILE A 277 -14.71 29.54 -3.19
N PRO A 278 -13.72 29.43 -2.29
CA PRO A 278 -13.51 30.52 -1.32
C PRO A 278 -13.18 31.86 -2.02
N HIS A 279 -13.72 32.97 -1.52
CA HIS A 279 -13.51 34.27 -2.18
C HIS A 279 -12.20 35.00 -1.78
N ASN A 280 -11.13 34.92 -2.65
CA ASN A 280 -9.74 35.48 -2.51
C ASN A 280 -9.33 35.76 -1.07
N LYS A 281 -9.46 34.73 -0.22
CA LYS A 281 -9.13 34.70 1.20
C LYS A 281 -8.29 33.43 1.46
N PRO A 282 -7.47 33.39 2.54
CA PRO A 282 -6.64 32.20 2.79
C PRO A 282 -7.46 30.92 2.92
N LEU A 283 -6.98 29.83 2.29
CA LEU A 283 -7.70 28.56 2.37
C LEU A 283 -7.90 28.07 3.82
N PHE A 284 -6.89 28.25 4.68
CA PHE A 284 -7.00 27.80 6.05
C PHE A 284 -8.12 28.54 6.79
N GLN A 285 -8.40 29.80 6.43
CA GLN A 285 -9.48 30.54 7.06
C GLN A 285 -10.82 29.98 6.60
N ALA A 286 -10.96 29.63 5.30
CA ALA A 286 -12.22 29.03 4.82
C ALA A 286 -12.41 27.65 5.49
N LEU A 287 -11.33 26.88 5.70
CA LEU A 287 -11.45 25.56 6.32
C LEU A 287 -11.80 25.69 7.81
N ILE A 288 -11.17 26.62 8.52
CA ILE A 288 -11.48 26.88 9.94
C ILE A 288 -12.93 27.32 10.08
N ASP A 289 -13.38 28.28 9.23
CA ASP A 289 -14.77 28.77 9.34
C ASP A 289 -15.75 27.66 9.04
N GLY A 290 -15.43 26.87 8.01
CA GLY A 290 -16.31 25.76 7.61
C GLY A 290 -16.36 24.66 8.64
N SER A 291 -15.28 24.45 9.38
CA SER A 291 -15.24 23.46 10.46
C SER A 291 -16.17 23.95 11.59
N ARG A 292 -16.02 25.23 12.00
CA ARG A 292 -16.84 25.83 13.06
C ARG A 292 -18.33 25.78 12.73
N GLU A 293 -18.67 25.98 11.47
CA GLU A 293 -20.06 25.95 11.03
C GLU A 293 -20.59 24.54 10.80
N GLY A 294 -19.75 23.51 10.95
CA GLY A 294 -20.13 22.11 10.86
C GLY A 294 -20.16 21.52 9.47
N PHE A 295 -19.58 22.23 8.49
CA PHE A 295 -19.54 21.78 7.11
C PHE A 295 -18.30 20.96 6.74
N TYR A 296 -17.11 21.36 7.23
CA TYR A 296 -15.86 20.68 6.87
C TYR A 296 -15.32 19.99 8.11
N LEU A 297 -15.60 18.69 8.28
CA LEU A 297 -15.24 17.97 9.48
C LEU A 297 -14.27 16.83 9.27
N TYR A 298 -14.39 16.11 8.12
CA TYR A 298 -13.61 14.90 7.93
C TYR A 298 -12.88 14.96 6.59
N PRO A 299 -11.59 15.36 6.61
CA PRO A 299 -10.84 15.51 5.36
C PRO A 299 -10.61 14.16 4.70
N ASP A 300 -11.04 14.02 3.44
CA ASP A 300 -11.02 12.74 2.71
C ASP A 300 -11.73 11.64 3.53
N GLY A 301 -12.77 12.02 4.28
CA GLY A 301 -13.55 11.12 5.12
C GLY A 301 -12.90 10.66 6.41
N ARG A 302 -11.68 11.13 6.69
CA ARG A 302 -10.93 10.76 7.90
C ARG A 302 -11.52 11.29 9.18
N SER A 303 -11.39 10.51 10.26
CA SER A 303 -11.88 10.79 11.61
C SER A 303 -11.21 12.02 12.23
N TYR A 304 -9.99 12.31 11.84
CA TYR A 304 -9.21 13.40 12.41
C TYR A 304 -9.08 14.56 11.44
N ASN A 305 -9.41 15.75 11.92
CA ASN A 305 -9.32 16.95 11.10
C ASN A 305 -8.18 17.77 11.69
N PRO A 306 -7.09 17.97 10.95
CA PRO A 306 -5.94 18.72 11.50
C PRO A 306 -6.30 20.13 11.97
N ASP A 307 -5.78 20.52 13.14
CA ASP A 307 -6.01 21.85 13.68
C ASP A 307 -5.19 22.86 12.83
N LEU A 308 -5.85 23.81 12.19
CA LEU A 308 -5.17 24.79 11.35
C LEU A 308 -4.94 26.15 12.00
N THR A 309 -5.39 26.33 13.26
CA THR A 309 -5.32 27.61 13.93
C THR A 309 -3.90 28.13 14.14
N GLY A 310 -2.90 27.25 14.10
CA GLY A 310 -1.51 27.67 14.19
C GLY A 310 -1.11 28.54 12.99
N LEU A 311 -1.83 28.43 11.86
CA LEU A 311 -1.60 29.22 10.64
C LEU A 311 -2.16 30.66 10.74
N CYS A 312 -3.01 30.94 11.74
CA CYS A 312 -3.54 32.28 11.97
C CYS A 312 -2.47 33.16 12.67
N GLU A 313 -1.59 32.56 13.48
CA GLU A 313 -0.52 33.28 14.20
C GLU A 313 0.85 32.85 13.68
N LYS A 321 8.25 18.81 10.81
CA LYS A 321 6.85 18.94 10.41
C LYS A 321 6.59 18.15 9.12
N VAL A 322 7.58 18.08 8.21
CA VAL A 322 7.40 17.34 6.95
C VAL A 322 8.52 16.34 6.76
N THR A 323 8.19 15.07 6.53
CA THR A 323 9.22 14.06 6.33
C THR A 323 9.76 14.09 4.91
N GLN A 324 10.95 13.49 4.70
CA GLN A 324 11.50 13.39 3.36
C GLN A 324 10.58 12.47 2.49
N GLU A 325 9.94 11.44 3.09
CA GLU A 325 8.99 10.58 2.38
C GLU A 325 7.75 11.38 1.93
N GLN A 326 7.27 12.31 2.79
CA GLN A 326 6.10 13.13 2.43
C GLN A 326 6.41 14.00 1.21
N TYR A 327 7.63 14.58 1.12
CA TYR A 327 8.01 15.36 -0.06
C TYR A 327 8.10 14.48 -1.30
N GLU A 328 8.70 13.27 -1.13
CA GLU A 328 8.84 12.30 -2.21
C GLU A 328 7.47 11.91 -2.79
N LEU A 329 6.50 11.58 -1.93
CA LEU A 329 5.16 11.18 -2.36
C LEU A 329 4.46 12.33 -3.08
N TYR A 330 4.62 13.56 -2.52
CA TYR A 330 4.04 14.76 -3.15
C TYR A 330 4.60 15.02 -4.57
N CYS A 331 5.86 14.69 -4.80
CA CYS A 331 6.51 14.91 -6.11
C CYS A 331 6.10 13.92 -7.18
N GLU A 332 5.52 12.76 -6.81
CA GLU A 332 5.19 11.71 -7.80
C GLU A 332 4.43 12.23 -9.02
N MET A 333 3.42 13.06 -8.79
CA MET A 333 2.62 13.59 -9.92
C MET A 333 3.36 14.61 -10.79
N GLY A 334 4.43 15.17 -10.28
CA GLY A 334 5.17 16.19 -11.00
C GLY A 334 6.21 15.63 -11.95
N SER A 335 6.97 16.52 -12.58
CA SER A 335 8.03 16.19 -13.54
C SER A 335 9.35 16.72 -13.00
N THR A 336 9.84 16.12 -11.92
CA THR A 336 11.11 16.56 -11.34
C THR A 336 12.15 15.46 -11.25
N PHE A 337 11.91 14.27 -11.83
CA PHE A 337 12.89 13.17 -11.77
C PHE A 337 14.26 13.57 -12.33
N GLN A 338 14.31 14.49 -13.30
CA GLN A 338 15.57 14.91 -13.91
C GLN A 338 16.39 15.85 -13.04
N LEU A 339 15.80 16.40 -11.98
CA LEU A 339 16.47 17.40 -11.15
C LEU A 339 17.35 16.73 -10.12
N CYS A 340 18.53 17.32 -9.85
CA CYS A 340 19.40 16.80 -8.82
C CYS A 340 18.72 16.98 -7.47
N LYS A 341 18.58 15.90 -6.70
CA LYS A 341 17.91 15.95 -5.41
C LYS A 341 18.76 16.63 -4.33
N ILE A 342 20.06 16.74 -4.52
CA ILE A 342 20.91 17.36 -3.51
C ILE A 342 20.74 18.89 -3.54
N CYS A 343 20.86 19.52 -4.71
CA CYS A 343 20.80 21.00 -4.80
C CYS A 343 19.41 21.51 -5.23
N ALA A 344 18.66 20.67 -5.95
CA ALA A 344 17.34 21.04 -6.52
C ALA A 344 17.47 22.28 -7.43
N GLU A 345 18.62 22.47 -8.09
CA GLU A 345 18.78 23.61 -8.98
C GLU A 345 19.46 23.24 -10.29
N ASN A 346 20.15 22.11 -10.37
CA ASN A 346 20.77 21.64 -11.62
C ASN A 346 20.16 20.29 -11.96
N ASP A 347 20.12 19.94 -13.23
CA ASP A 347 19.64 18.60 -13.61
C ASP A 347 20.73 17.58 -13.36
N LYS A 348 20.30 16.34 -13.13
CA LYS A 348 21.17 15.19 -12.98
C LYS A 348 21.97 15.06 -14.28
N ASP A 349 23.30 14.97 -14.19
CA ASP A 349 24.13 14.81 -15.36
C ASP A 349 25.27 13.80 -15.15
N VAL A 350 25.28 13.06 -14.00
CA VAL A 350 26.32 12.08 -13.76
C VAL A 350 25.72 10.87 -13.06
N LYS A 351 26.15 9.69 -13.47
CA LYS A 351 25.72 8.41 -12.91
C LYS A 351 26.91 7.77 -12.17
N ILE A 352 26.71 7.29 -10.95
CA ILE A 352 27.78 6.61 -10.21
C ILE A 352 27.67 5.13 -10.43
N GLU A 353 28.80 4.48 -10.60
CA GLU A 353 28.90 3.03 -10.76
C GLU A 353 29.61 2.50 -9.52
N PRO A 354 29.15 1.38 -8.96
CA PRO A 354 28.05 0.51 -9.45
C PRO A 354 26.66 0.75 -8.89
N CYS A 355 26.48 1.66 -7.91
CA CYS A 355 25.17 1.86 -7.30
C CYS A 355 24.10 2.42 -8.25
N GLY A 356 24.49 3.18 -9.25
CA GLY A 356 23.59 3.77 -10.23
C GLY A 356 22.92 5.07 -9.80
N HIS A 357 23.31 5.64 -8.64
CA HIS A 357 22.67 6.88 -8.19
C HIS A 357 23.04 8.02 -9.15
N LEU A 358 22.10 8.94 -9.36
CA LEU A 358 22.26 10.07 -10.28
C LEU A 358 22.25 11.37 -9.53
N MET A 359 23.04 12.36 -10.01
CA MET A 359 23.03 13.70 -9.37
C MET A 359 23.72 14.66 -10.38
N CYS A 360 23.89 15.93 -10.02
CA CYS A 360 24.66 16.84 -10.87
C CYS A 360 26.16 16.72 -10.51
N THR A 361 27.03 17.01 -11.47
CA THR A 361 28.47 16.90 -11.25
C THR A 361 28.96 17.89 -10.18
N SER A 362 28.32 19.05 -10.09
CA SER A 362 28.71 20.06 -9.10
C SER A 362 28.50 19.50 -7.67
N CYS A 363 27.39 18.78 -7.42
CA CYS A 363 27.14 18.19 -6.10
C CYS A 363 28.06 17.02 -5.79
N LEU A 364 28.35 16.19 -6.82
CA LEU A 364 29.24 15.08 -6.61
C LEU A 364 30.65 15.60 -6.29
N THR A 365 31.10 16.61 -7.03
CA THR A 365 32.43 17.22 -6.83
C THR A 365 32.55 17.82 -5.42
N ALA A 366 31.52 18.54 -4.96
CA ALA A 366 31.50 19.12 -3.62
C ALA A 366 31.63 18.01 -2.55
N TRP A 367 30.87 16.91 -2.73
CA TRP A 367 30.96 15.78 -1.81
C TRP A 367 32.36 15.15 -1.79
N GLN A 368 32.95 14.93 -2.98
CA GLN A 368 34.27 14.34 -3.08
C GLN A 368 35.36 15.26 -2.52
N GLU A 369 35.22 16.57 -2.72
CA GLU A 369 36.14 17.58 -2.19
C GLU A 369 36.01 17.76 -0.67
N SER A 370 34.94 17.24 -0.06
CA SER A 370 34.74 17.23 1.39
C SER A 370 35.28 15.93 2.04
N ASP A 371 35.86 15.03 1.25
CA ASP A 371 36.28 13.71 1.71
C ASP A 371 35.06 12.93 2.24
N GLY A 372 33.92 13.12 1.56
CA GLY A 372 32.69 12.38 1.86
C GLY A 372 32.90 10.94 1.47
N GLN A 373 32.34 10.01 2.25
CA GLN A 373 32.52 8.59 1.94
C GLN A 373 31.67 8.18 0.71
N GLY A 374 32.33 7.68 -0.32
CA GLY A 374 31.71 7.17 -1.53
C GLY A 374 30.57 7.95 -2.13
N CYS A 375 29.50 7.25 -2.53
CA CYS A 375 28.35 7.92 -3.14
C CYS A 375 27.64 8.83 -2.12
N PRO A 376 27.29 10.06 -2.48
CA PRO A 376 26.61 10.96 -1.52
C PRO A 376 25.32 10.34 -0.94
N PHE A 377 24.63 9.49 -1.70
CA PHE A 377 23.39 8.89 -1.23
C PHE A 377 23.58 7.62 -0.41
N CYS A 378 24.26 6.62 -0.95
CA CYS A 378 24.38 5.30 -0.30
C CYS A 378 25.73 5.02 0.34
N ARG A 379 26.71 5.92 0.16
CA ARG A 379 28.05 5.81 0.72
C ARG A 379 28.91 4.65 0.18
N CYS A 380 28.42 3.95 -0.84
CA CYS A 380 29.18 2.84 -1.44
C CYS A 380 30.36 3.39 -2.25
N GLU A 381 31.46 2.63 -2.34
CA GLU A 381 32.64 2.98 -3.11
C GLU A 381 32.30 3.34 -4.56
N ILE A 382 32.85 4.47 -5.04
CA ILE A 382 32.60 4.88 -6.41
C ILE A 382 33.65 4.24 -7.27
N LYS A 383 33.26 3.29 -8.10
CA LYS A 383 34.19 2.62 -9.00
C LYS A 383 34.34 3.34 -10.34
N GLY A 384 33.37 4.17 -10.68
CA GLY A 384 33.40 4.94 -11.90
C GLY A 384 32.21 5.87 -11.97
N THR A 385 32.31 6.85 -12.83
CA THR A 385 31.20 7.77 -13.08
C THR A 385 31.00 7.85 -14.60
N GLU A 386 29.82 8.29 -15.02
CA GLU A 386 29.53 8.39 -16.44
C GLU A 386 28.64 9.58 -16.67
N PRO A 387 28.92 10.47 -17.64
CA PRO A 387 27.96 11.56 -17.91
C PRO A 387 26.64 10.95 -18.43
N ILE A 388 25.52 11.57 -18.10
CA ILE A 388 24.21 11.05 -18.50
C ILE A 388 23.24 12.20 -18.72
N ILE A 389 22.16 11.94 -19.50
CA ILE A 389 21.09 12.92 -19.72
C ILE A 389 19.83 12.28 -19.18
N VAL A 390 19.17 12.93 -18.24
CA VAL A 390 17.98 12.37 -17.62
C VAL A 390 16.70 13.08 -18.08
N ASP A 391 15.70 12.33 -18.48
CA ASP A 391 14.42 12.87 -18.90
C ASP A 391 13.45 12.81 -17.72
N PRO A 392 12.55 13.80 -17.57
CA PRO A 392 11.57 13.75 -16.46
C PRO A 392 10.72 12.46 -16.43
N PHE A 393 10.58 11.75 -17.57
CA PHE A 393 9.79 10.51 -17.63
C PHE A 393 10.64 9.23 -17.60
N ASP A 394 11.95 9.33 -17.27
CA ASP A 394 12.81 8.14 -17.14
C ASP A 394 12.46 7.35 -15.87
N LYS B 4 -18.05 -6.44 14.09
CA LYS B 4 -17.26 -5.23 13.87
C LYS B 4 -16.24 -5.04 15.00
N GLN B 5 -15.08 -4.45 14.66
CA GLN B 5 -14.01 -4.20 15.62
C GLN B 5 -13.90 -2.71 15.92
N ALA B 6 -13.56 -2.35 17.16
CA ALA B 6 -13.41 -0.92 17.51
C ALA B 6 -12.12 -0.32 16.89
N ALA B 7 -12.03 1.01 16.81
CA ALA B 7 -10.81 1.67 16.28
C ALA B 7 -9.60 1.29 17.14
N ALA B 8 -8.47 1.01 16.51
CA ALA B 8 -7.28 0.57 17.22
C ALA B 8 -6.45 1.79 17.61
N ASP B 9 -6.98 2.61 18.53
CA ASP B 9 -6.28 3.82 18.95
C ASP B 9 -5.20 3.47 20.00
N ARG B 10 -4.40 4.44 20.42
CA ARG B 10 -3.35 4.21 21.40
C ARG B 10 -3.86 3.58 22.70
N ARG B 11 -5.03 4.02 23.20
CA ARG B 11 -5.62 3.45 24.42
C ARG B 11 -5.86 1.94 24.27
N THR B 12 -6.40 1.52 23.11
CA THR B 12 -6.70 0.12 22.80
C THR B 12 -5.43 -0.70 22.68
N VAL B 13 -4.38 -0.17 22.02
CA VAL B 13 -3.09 -0.85 21.91
C VAL B 13 -2.49 -1.07 23.30
N GLU B 14 -2.59 -0.05 24.17
CA GLU B 14 -2.07 -0.20 25.52
C GLU B 14 -2.84 -1.19 26.37
N LYS B 15 -4.15 -1.38 26.09
CA LYS B 15 -4.92 -2.38 26.81
C LYS B 15 -4.38 -3.77 26.48
N THR B 16 -3.93 -4.01 25.22
CA THR B 16 -3.35 -5.31 24.85
C THR B 16 -2.05 -5.54 25.62
N TRP B 17 -1.23 -4.49 25.81
CA TRP B 17 0.02 -4.61 26.55
C TRP B 17 -0.23 -5.03 27.98
N LYS B 18 -1.29 -4.45 28.62
CA LYS B 18 -1.58 -4.79 30.02
C LYS B 18 -2.05 -6.26 30.09
N LEU B 19 -2.85 -6.72 29.11
CA LEU B 19 -3.29 -8.14 29.09
C LEU B 19 -2.09 -9.06 28.83
N MET B 20 -1.21 -8.69 27.88
CA MET B 20 -0.03 -9.49 27.57
C MET B 20 0.90 -9.57 28.76
N ASP B 21 1.03 -8.46 29.54
CA ASP B 21 1.83 -8.47 30.76
C ASP B 21 1.26 -9.48 31.76
N LYS B 22 -0.10 -9.53 31.93
CA LYS B 22 -0.69 -10.53 32.85
C LYS B 22 -0.38 -11.96 32.37
N VAL B 23 -0.45 -12.21 31.05
CA VAL B 23 -0.16 -13.53 30.51
C VAL B 23 1.29 -13.93 30.81
N VAL B 24 2.26 -13.01 30.59
CA VAL B 24 3.68 -13.28 30.86
C VAL B 24 3.86 -13.62 32.35
N ARG B 25 3.25 -12.82 33.26
CA ARG B 25 3.36 -13.09 34.70
C ARG B 25 2.78 -14.43 35.08
N LEU B 26 1.61 -14.82 34.50
CA LEU B 26 1.04 -16.14 34.77
C LEU B 26 1.99 -17.25 34.28
N CYS B 27 2.62 -17.03 33.13
CA CYS B 27 3.51 -18.03 32.52
C CYS B 27 4.89 -18.11 33.20
N GLN B 28 5.24 -17.12 34.04
CA GLN B 28 6.49 -17.15 34.79
C GLN B 28 6.39 -17.94 36.09
N ASN B 29 5.23 -18.49 36.43
CA ASN B 29 5.04 -19.28 37.65
C ASN B 29 5.98 -20.49 37.62
N PRO B 30 6.82 -20.62 38.66
CA PRO B 30 7.79 -21.74 38.68
C PRO B 30 7.14 -23.12 38.60
N LYS B 31 5.87 -23.25 39.07
CA LYS B 31 5.15 -24.52 39.03
C LYS B 31 4.90 -25.01 37.60
N LEU B 32 4.81 -24.09 36.62
CA LEU B 32 4.59 -24.48 35.23
C LEU B 32 5.72 -25.27 34.63
N GLN B 33 6.99 -24.93 34.96
CA GLN B 33 8.18 -25.58 34.38
C GLN B 33 8.12 -25.50 32.86
N LEU B 34 7.74 -24.32 32.35
CA LEU B 34 7.53 -24.08 30.94
C LEU B 34 8.86 -24.16 30.25
N LYS B 35 8.98 -25.02 29.24
CA LYS B 35 10.25 -25.20 28.53
C LYS B 35 10.54 -24.08 27.55
N ASN B 36 11.82 -23.71 27.43
CA ASN B 36 12.28 -22.68 26.51
C ASN B 36 12.53 -23.33 25.17
N SER B 37 11.46 -23.50 24.40
CA SER B 37 11.53 -24.05 23.05
C SER B 37 10.33 -23.47 22.27
N PRO B 38 10.56 -23.19 21.00
CA PRO B 38 9.52 -22.53 20.22
C PRO B 38 8.28 -23.39 20.05
N PRO B 39 7.07 -22.80 20.16
CA PRO B 39 6.79 -21.37 20.46
C PRO B 39 6.84 -21.10 21.97
N TYR B 40 7.67 -20.15 22.36
CA TYR B 40 7.91 -19.79 23.76
C TYR B 40 7.25 -18.46 24.04
N ILE B 41 6.11 -18.52 24.72
CA ILE B 41 5.31 -17.37 25.03
C ILE B 41 6.07 -16.24 25.79
N LEU B 42 7.10 -16.59 26.61
CA LEU B 42 7.90 -15.61 27.35
C LEU B 42 8.85 -14.81 26.46
N ASP B 43 9.07 -15.28 25.20
CA ASP B 43 9.84 -14.50 24.24
C ASP B 43 8.87 -13.79 23.29
N ILE B 44 7.81 -14.53 22.83
CA ILE B 44 6.88 -13.99 21.86
C ILE B 44 6.14 -12.75 22.36
N LEU B 45 5.60 -12.76 23.60
CA LEU B 45 4.79 -11.59 24.02
C LEU B 45 5.65 -10.33 24.18
N PRO B 46 6.83 -10.37 24.80
CA PRO B 46 7.71 -9.18 24.79
C PRO B 46 8.07 -8.73 23.37
N ASP B 47 8.29 -9.69 22.44
CA ASP B 47 8.62 -9.29 21.04
C ASP B 47 7.41 -8.65 20.34
N THR B 48 6.19 -9.06 20.72
CA THR B 48 4.96 -8.49 20.15
C THR B 48 4.81 -7.08 20.68
N TYR B 49 5.04 -6.87 21.99
CA TYR B 49 5.01 -5.49 22.55
C TYR B 49 6.04 -4.62 21.77
N GLN B 50 7.26 -5.14 21.55
CA GLN B 50 8.31 -4.36 20.89
C GLN B 50 7.92 -3.96 19.47
N HIS B 51 7.28 -4.88 18.72
CA HIS B 51 6.85 -4.53 17.37
C HIS B 51 5.70 -3.49 17.41
N LEU B 52 4.80 -3.60 18.39
CA LEU B 52 3.72 -2.60 18.54
C LEU B 52 4.29 -1.23 18.89
N ARG B 53 5.33 -1.20 19.75
CA ARG B 53 6.01 0.02 20.13
C ARG B 53 6.67 0.65 18.87
N LEU B 54 7.23 -0.17 18.00
CA LEU B 54 7.86 0.28 16.76
C LEU B 54 6.83 0.88 15.82
N ILE B 55 5.66 0.22 15.67
CA ILE B 55 4.59 0.78 14.83
C ILE B 55 4.16 2.15 15.38
N LEU B 56 3.92 2.24 16.69
CA LEU B 56 3.55 3.53 17.29
C LEU B 56 4.59 4.61 17.06
N SER B 57 5.87 4.24 17.05
CA SER B 57 6.94 5.22 16.81
C SER B 57 6.91 5.75 15.36
N LYS B 58 6.36 4.97 14.41
CA LYS B 58 6.27 5.39 13.01
C LYS B 58 5.00 6.23 12.73
N TYR B 59 3.92 5.97 13.47
CA TYR B 59 2.67 6.75 13.33
C TYR B 59 2.69 7.75 14.50
N ASP B 60 3.65 8.67 14.46
CA ASP B 60 4.05 9.56 15.55
C ASP B 60 3.37 10.95 15.65
N ASP B 61 2.14 11.08 15.18
CA ASP B 61 1.37 12.32 15.32
C ASP B 61 -0.13 11.98 15.27
N ASN B 62 -1.02 12.92 15.59
CA ASN B 62 -2.45 12.66 15.63
C ASN B 62 -2.99 12.16 14.30
N GLN B 63 -2.57 12.81 13.19
CA GLN B 63 -3.04 12.44 11.86
C GLN B 63 -2.65 10.99 11.53
N LYS B 64 -1.38 10.65 11.73
CA LYS B 64 -0.91 9.29 11.47
C LYS B 64 -1.57 8.25 12.41
N LEU B 65 -1.69 8.56 13.71
CA LEU B 65 -2.30 7.61 14.66
C LEU B 65 -3.76 7.35 14.30
N ALA B 66 -4.47 8.39 13.79
CA ALA B 66 -5.87 8.23 13.38
C ALA B 66 -5.93 7.27 12.17
N GLN B 67 -5.03 7.44 11.18
CA GLN B 67 -4.95 6.54 10.03
C GLN B 67 -4.66 5.09 10.48
N LEU B 68 -3.69 4.90 11.37
CA LEU B 68 -3.36 3.59 11.91
C LEU B 68 -4.58 2.95 12.62
N SER B 69 -5.27 3.72 13.45
CA SER B 69 -6.43 3.24 14.19
C SER B 69 -7.58 2.75 13.29
N GLU B 70 -7.69 3.27 12.06
CA GLU B 70 -8.79 2.86 11.17
C GLU B 70 -8.35 1.83 10.14
N ASN B 71 -7.07 1.37 10.17
CA ASN B 71 -6.59 0.41 9.19
C ASN B 71 -7.31 -0.93 9.44
N GLU B 72 -7.98 -1.49 8.42
CA GLU B 72 -8.76 -2.71 8.56
C GLU B 72 -7.99 -3.84 9.18
N TYR B 73 -6.77 -4.13 8.67
CA TYR B 73 -5.95 -5.20 9.21
C TYR B 73 -5.57 -4.91 10.68
N PHE B 74 -5.09 -3.69 10.97
CA PHE B 74 -4.64 -3.36 12.34
C PHE B 74 -5.78 -3.47 13.35
N LYS B 75 -7.01 -3.07 12.96
CA LYS B 75 -8.16 -3.24 13.86
C LYS B 75 -8.41 -4.70 14.15
N ILE B 76 -8.34 -5.55 13.12
CA ILE B 76 -8.56 -6.98 13.34
C ILE B 76 -7.43 -7.59 14.17
N TYR B 77 -6.19 -7.17 13.90
CA TYR B 77 -5.05 -7.71 14.64
C TYR B 77 -5.19 -7.37 16.16
N ILE B 78 -5.46 -6.11 16.49
CA ILE B 78 -5.55 -5.68 17.89
C ILE B 78 -6.71 -6.35 18.57
N ASP B 79 -7.86 -6.47 17.87
CA ASP B 79 -9.01 -7.18 18.43
C ASP B 79 -8.65 -8.66 18.71
N SER B 80 -7.93 -9.32 17.77
CA SER B 80 -7.55 -10.72 17.97
C SER B 80 -6.56 -10.86 19.10
N LEU B 81 -5.59 -9.97 19.20
CA LEU B 81 -4.57 -10.02 20.25
C LEU B 81 -5.22 -9.86 21.64
N MET B 82 -6.17 -8.95 21.75
CA MET B 82 -6.93 -8.75 22.97
C MET B 82 -7.68 -10.04 23.36
N LYS B 83 -8.38 -10.65 22.39
CA LYS B 83 -9.18 -11.86 22.60
C LYS B 83 -8.33 -13.03 23.00
N LYS B 84 -7.18 -13.23 22.32
CA LYS B 84 -6.29 -14.36 22.61
C LYS B 84 -5.62 -14.18 23.97
N SER B 85 -5.26 -12.93 24.33
CA SER B 85 -4.65 -12.67 25.65
C SER B 85 -5.68 -12.92 26.72
N LYS B 86 -6.95 -12.45 26.50
CA LYS B 86 -8.01 -12.71 27.49
C LYS B 86 -8.27 -14.21 27.61
N ARG B 87 -8.20 -14.94 26.49
CA ARG B 87 -8.38 -16.38 26.50
C ARG B 87 -7.29 -17.07 27.32
N ALA B 88 -6.04 -16.62 27.20
CA ALA B 88 -4.92 -17.22 27.97
C ALA B 88 -5.12 -16.97 29.48
N ILE B 89 -5.62 -15.79 29.85
CA ILE B 89 -5.88 -15.48 31.27
C ILE B 89 -6.98 -16.41 31.79
N ARG B 90 -8.04 -16.57 30.99
CA ARG B 90 -9.17 -17.45 31.33
C ARG B 90 -8.72 -18.90 31.45
N LEU B 91 -7.77 -19.32 30.60
CA LEU B 91 -7.21 -20.66 30.66
C LEU B 91 -6.62 -20.98 32.03
N PHE B 92 -5.86 -20.03 32.60
CA PHE B 92 -5.27 -20.19 33.92
C PHE B 92 -6.35 -20.13 35.01
N LYS B 93 -7.33 -19.20 34.87
CA LYS B 93 -8.43 -19.03 35.84
C LYS B 93 -9.29 -20.32 35.97
N GLU B 94 -9.60 -20.95 34.85
CA GLU B 94 -10.40 -22.17 34.83
C GLU B 94 -9.56 -23.45 35.00
N GLY B 95 -8.29 -23.41 34.58
CA GLY B 95 -7.41 -24.57 34.63
C GLY B 95 -6.90 -24.90 36.01
N LYS B 96 -6.76 -23.86 36.86
CA LYS B 96 -6.22 -23.98 38.23
C LYS B 96 -4.95 -24.89 38.29
N GLU B 97 -4.92 -25.95 39.12
CA GLU B 97 -3.76 -26.83 39.28
C GLU B 97 -3.43 -27.67 38.07
N ARG B 98 -4.38 -27.86 37.14
CA ARG B 98 -4.09 -28.63 35.92
C ARG B 98 -3.04 -27.94 35.04
N MET B 99 -2.88 -26.62 35.19
CA MET B 99 -1.86 -25.88 34.46
C MET B 99 -0.46 -26.38 34.80
N TYR B 100 -0.27 -26.99 35.98
CA TYR B 100 1.04 -27.48 36.38
C TYR B 100 1.29 -28.94 35.99
N GLU B 101 0.37 -29.55 35.24
CA GLU B 101 0.54 -30.91 34.77
C GLU B 101 0.79 -30.76 33.30
N GLU B 102 2.03 -31.02 32.87
CA GLU B 102 2.46 -30.86 31.49
C GLU B 102 1.59 -31.61 30.45
N GLN B 103 1.00 -32.77 30.83
CA GLN B 103 0.18 -33.57 29.92
C GLN B 103 -1.33 -33.23 29.94
N SER B 104 -1.74 -32.24 30.72
CA SER B 104 -3.16 -31.91 30.81
C SER B 104 -3.68 -31.28 29.50
N GLN B 105 -5.01 -31.36 29.29
CA GLN B 105 -5.63 -30.71 28.13
C GLN B 105 -5.45 -29.17 28.27
N ASP B 106 -5.50 -28.65 29.50
CA ASP B 106 -5.26 -27.21 29.73
C ASP B 106 -3.87 -26.78 29.23
N ARG B 107 -2.82 -27.59 29.52
CA ARG B 107 -1.47 -27.27 29.03
C ARG B 107 -1.37 -27.43 27.52
N ARG B 108 -2.13 -28.41 26.95
CA ARG B 108 -2.18 -28.56 25.51
C ARG B 108 -2.79 -27.29 24.87
N ASN B 109 -3.82 -26.73 25.52
CA ASN B 109 -4.45 -25.49 25.06
C ASN B 109 -3.51 -24.30 25.14
N LEU B 110 -2.64 -24.27 26.17
CA LEU B 110 -1.64 -23.21 26.28
C LEU B 110 -0.67 -23.32 25.07
N THR B 111 -0.32 -24.55 24.63
CA THR B 111 0.53 -24.73 23.47
C THR B 111 -0.16 -24.21 22.21
N LYS B 112 -1.47 -24.49 22.07
CA LYS B 112 -2.23 -23.96 20.92
C LYS B 112 -2.17 -22.42 20.90
N LEU B 113 -2.39 -21.78 22.07
CA LEU B 113 -2.32 -20.32 22.13
C LEU B 113 -0.90 -19.83 21.83
N SER B 114 0.15 -20.53 22.33
CA SER B 114 1.54 -20.10 22.10
C SER B 114 1.83 -20.10 20.58
N LEU B 115 1.33 -21.14 19.87
CA LEU B 115 1.49 -21.21 18.42
C LEU B 115 0.79 -20.01 17.76
N ILE B 116 -0.46 -19.71 18.20
CA ILE B 116 -1.20 -18.58 17.65
C ILE B 116 -0.45 -17.28 17.86
N PHE B 117 0.07 -17.05 19.08
CA PHE B 117 0.81 -15.81 19.36
C PHE B 117 2.05 -15.73 18.47
N SER B 118 2.73 -16.87 18.27
CA SER B 118 3.93 -16.92 17.43
C SER B 118 3.57 -16.52 15.98
N HIS B 119 2.48 -17.11 15.45
CA HIS B 119 2.04 -16.80 14.09
C HIS B 119 1.56 -15.34 13.96
N MET B 120 0.91 -14.79 14.99
CA MET B 120 0.45 -13.38 14.93
C MET B 120 1.66 -12.44 14.90
N LEU B 121 2.73 -12.79 15.63
CA LEU B 121 3.94 -11.97 15.64
C LEU B 121 4.59 -12.00 14.25
N ALA B 122 4.67 -13.18 13.64
CA ALA B 122 5.23 -13.30 12.28
C ALA B 122 4.34 -12.50 11.29
N GLU B 123 3.04 -12.58 11.46
CA GLU B 123 2.11 -11.85 10.57
C GLU B 123 2.29 -10.31 10.67
N ILE B 124 2.31 -9.77 11.91
CA ILE B 124 2.42 -8.31 12.07
C ILE B 124 3.78 -7.81 11.56
N LYS B 125 4.84 -8.63 11.68
CA LYS B 125 6.15 -8.24 11.17
C LYS B 125 6.17 -8.22 9.67
N ALA B 126 5.38 -9.07 9.01
CA ALA B 126 5.33 -9.13 7.55
C ALA B 126 4.44 -8.05 6.97
N ILE B 127 3.33 -7.70 7.67
CA ILE B 127 2.38 -6.70 7.21
C ILE B 127 2.84 -5.27 7.57
N PHE B 128 3.53 -5.11 8.71
CA PHE B 128 4.09 -3.82 9.11
C PHE B 128 5.62 -3.96 9.22
N PRO B 129 6.32 -4.24 8.10
CA PRO B 129 7.78 -4.36 8.17
C PRO B 129 8.38 -3.01 8.57
N ASN B 130 9.33 -3.03 9.52
CA ASN B 130 9.93 -1.81 10.08
C ASN B 130 8.88 -0.85 10.67
N GLY B 131 7.75 -1.39 11.11
CA GLY B 131 6.67 -0.63 11.74
C GLY B 131 5.72 0.10 10.82
N GLN B 132 5.88 -0.01 9.51
CA GLN B 132 5.06 0.74 8.55
C GLN B 132 4.16 -0.22 7.76
N PHE B 133 2.87 0.14 7.60
CA PHE B 133 1.92 -0.71 6.90
C PHE B 133 2.26 -0.90 5.44
N GLN B 134 2.40 -2.15 5.01
CA GLN B 134 2.64 -2.49 3.61
C GLN B 134 1.67 -3.60 3.11
N GLY B 135 0.58 -3.87 3.83
CA GLY B 135 -0.33 -4.96 3.49
C GLY B 135 -0.88 -4.90 2.08
N ASP B 136 -1.20 -3.69 1.62
CA ASP B 136 -1.73 -3.45 0.28
C ASP B 136 -0.71 -3.69 -0.84
N ASN B 137 0.57 -3.72 -0.51
CA ASN B 137 1.70 -3.97 -1.42
C ASN B 137 2.35 -5.33 -1.15
N PHE B 138 1.68 -6.23 -0.43
CA PHE B 138 2.27 -7.52 -0.06
C PHE B 138 2.53 -8.33 -1.33
N ARG B 139 3.69 -8.92 -1.42
CA ARG B 139 4.03 -9.75 -2.57
C ARG B 139 3.90 -11.24 -2.26
N ILE B 140 2.88 -11.84 -2.85
CA ILE B 140 2.66 -13.28 -2.71
C ILE B 140 3.72 -13.98 -3.57
N THR B 141 4.44 -14.94 -2.98
CA THR B 141 5.57 -15.63 -3.61
C THR B 141 5.23 -16.34 -4.92
N LYS B 142 4.08 -17.02 -4.96
CA LYS B 142 3.69 -17.75 -6.17
C LYS B 142 2.72 -16.88 -7.01
N ALA B 143 3.13 -16.49 -8.23
CA ALA B 143 2.31 -15.62 -9.09
C ALA B 143 0.94 -16.17 -9.44
N ASP B 144 0.80 -17.50 -9.65
CA ASP B 144 -0.54 -18.05 -9.96
C ASP B 144 -1.48 -17.95 -8.73
N ALA B 145 -0.92 -18.12 -7.52
CA ALA B 145 -1.70 -17.91 -6.29
C ALA B 145 -1.99 -16.41 -6.15
N ALA B 146 -0.99 -15.53 -6.42
CA ALA B 146 -1.19 -14.09 -6.30
C ALA B 146 -2.34 -13.63 -7.24
N GLU B 147 -2.43 -14.20 -8.46
CA GLU B 147 -3.47 -13.84 -9.42
C GLU B 147 -4.86 -14.21 -8.87
N PHE B 148 -4.97 -15.32 -8.12
CA PHE B 148 -6.24 -15.69 -7.49
C PHE B 148 -6.62 -14.64 -6.43
N TRP B 149 -5.66 -14.27 -5.52
CA TRP B 149 -5.97 -13.30 -4.48
C TRP B 149 -6.39 -11.95 -5.10
N ARG B 150 -5.67 -11.49 -6.12
CA ARG B 150 -5.96 -10.20 -6.77
C ARG B 150 -7.32 -10.24 -7.48
N LYS B 151 -7.64 -11.38 -8.12
CA LYS B 151 -8.93 -11.52 -8.79
C LYS B 151 -10.09 -11.38 -7.79
N PHE B 152 -10.10 -12.19 -6.72
CA PHE B 152 -11.23 -12.24 -5.81
C PHE B 152 -11.21 -11.20 -4.71
N PHE B 153 -10.03 -10.71 -4.34
CA PHE B 153 -9.94 -9.80 -3.20
C PHE B 153 -9.20 -8.48 -3.48
N GLY B 154 -8.76 -8.28 -4.71
CA GLY B 154 -8.02 -7.07 -5.10
C GLY B 154 -6.78 -6.85 -4.26
N ASP B 155 -6.68 -5.64 -3.68
CA ASP B 155 -5.52 -5.32 -2.84
C ASP B 155 -5.83 -5.43 -1.34
N LYS B 156 -6.88 -6.21 -0.95
CA LYS B 156 -7.18 -6.41 0.46
C LYS B 156 -5.97 -7.10 1.14
N THR B 157 -5.71 -6.75 2.38
CA THR B 157 -4.70 -7.42 3.18
C THR B 157 -5.33 -8.61 3.94
N ILE B 158 -6.65 -8.56 4.19
CA ILE B 158 -7.29 -9.60 5.00
C ILE B 158 -8.75 -9.73 4.61
N VAL B 159 -9.28 -10.97 4.61
CA VAL B 159 -10.68 -11.20 4.23
C VAL B 159 -11.28 -12.21 5.18
N PRO B 160 -12.59 -12.16 5.42
CA PRO B 160 -13.21 -13.18 6.30
C PRO B 160 -13.01 -14.58 5.71
N TRP B 161 -12.88 -15.59 6.59
CA TRP B 161 -12.74 -16.97 6.16
C TRP B 161 -13.95 -17.37 5.26
N LYS B 162 -15.17 -16.98 5.63
CA LYS B 162 -16.40 -17.32 4.89
C LYS B 162 -16.28 -16.94 3.41
N VAL B 163 -15.80 -15.70 3.14
CA VAL B 163 -15.62 -15.18 1.78
C VAL B 163 -14.47 -15.90 1.07
N PHE B 164 -13.34 -16.06 1.76
CA PHE B 164 -12.19 -16.78 1.21
C PHE B 164 -12.56 -18.18 0.74
N ARG B 165 -13.25 -18.95 1.60
CA ARG B 165 -13.62 -20.34 1.30
C ARG B 165 -14.50 -20.43 0.05
N GLN B 166 -15.52 -19.56 -0.03
CA GLN B 166 -16.45 -19.57 -1.16
C GLN B 166 -15.71 -19.23 -2.46
N CYS B 167 -14.75 -18.29 -2.39
CA CYS B 167 -14.01 -17.93 -3.58
C CYS B 167 -13.00 -18.99 -3.98
N LEU B 168 -12.37 -19.63 -3.01
CA LEU B 168 -11.42 -20.74 -3.29
C LEU B 168 -12.17 -21.90 -3.96
N HIS B 169 -13.38 -22.19 -3.48
CA HIS B 169 -14.20 -23.24 -4.06
C HIS B 169 -14.50 -23.03 -5.56
N GLU B 170 -14.57 -21.77 -6.02
CA GLU B 170 -14.80 -21.51 -7.43
C GLU B 170 -13.64 -22.01 -8.32
N VAL B 171 -12.43 -22.14 -7.77
CA VAL B 171 -11.24 -22.57 -8.49
C VAL B 171 -10.87 -24.02 -8.15
N HIS B 172 -10.86 -24.33 -6.87
CA HIS B 172 -10.53 -25.67 -6.36
C HIS B 172 -11.67 -26.12 -5.46
N GLN B 173 -12.47 -27.07 -5.94
CA GLN B 173 -13.64 -27.51 -5.20
C GLN B 173 -13.30 -28.17 -3.89
N ILE B 174 -14.04 -27.78 -2.85
CA ILE B 174 -13.94 -28.35 -1.50
C ILE B 174 -15.18 -29.24 -1.40
N SER B 175 -15.00 -30.51 -1.10
CA SER B 175 -16.11 -31.48 -1.21
C SER B 175 -16.98 -31.69 0.02
N SER B 176 -16.59 -31.14 1.19
CA SER B 176 -17.41 -31.34 2.39
C SER B 176 -17.12 -30.24 3.43
N GLY B 177 -18.00 -30.11 4.44
CA GLY B 177 -17.77 -29.16 5.51
C GLY B 177 -16.59 -29.58 6.36
N LEU B 178 -16.36 -30.90 6.52
CA LEU B 178 -15.23 -31.39 7.30
C LEU B 178 -13.93 -31.06 6.60
N GLU B 179 -13.89 -31.18 5.26
CA GLU B 179 -12.68 -30.80 4.51
C GLU B 179 -12.45 -29.31 4.63
N ALA B 180 -13.52 -28.49 4.49
CA ALA B 180 -13.40 -27.04 4.64
C ALA B 180 -12.91 -26.67 6.07
N MET B 181 -13.35 -27.42 7.08
CA MET B 181 -12.91 -27.17 8.45
C MET B 181 -11.40 -27.45 8.59
N ALA B 182 -10.95 -28.59 8.07
CA ALA B 182 -9.52 -28.94 8.10
C ALA B 182 -8.68 -27.89 7.35
N LEU B 183 -9.22 -27.39 6.23
CA LEU B 183 -8.59 -26.34 5.41
C LEU B 183 -8.51 -25.02 6.18
N LYS B 184 -9.59 -24.62 6.87
CA LYS B 184 -9.55 -23.39 7.70
C LYS B 184 -8.45 -23.55 8.77
N SER B 185 -8.41 -24.75 9.41
CA SER B 185 -7.42 -24.96 10.48
C SER B 185 -5.98 -24.79 9.94
N THR B 186 -5.78 -25.18 8.69
CA THR B 186 -4.45 -25.13 8.06
C THR B 186 -4.07 -23.70 7.66
N ILE B 187 -5.01 -22.95 7.12
CA ILE B 187 -4.70 -21.58 6.60
C ILE B 187 -4.83 -20.47 7.65
N ASP B 188 -5.90 -20.50 8.43
CA ASP B 188 -6.15 -19.53 9.49
C ASP B 188 -5.26 -19.89 10.68
N LEU B 189 -3.94 -19.65 10.54
CA LEU B 189 -2.96 -19.94 11.58
C LEU B 189 -3.18 -19.06 12.81
N THR B 190 -3.67 -17.82 12.61
CA THR B 190 -3.90 -16.93 13.77
C THR B 190 -5.21 -17.22 14.49
N CYS B 191 -6.04 -18.15 13.95
CA CYS B 191 -7.29 -18.58 14.55
C CYS B 191 -8.21 -17.40 14.85
N ASN B 192 -8.31 -16.45 13.90
CA ASN B 192 -9.18 -15.30 14.12
C ASN B 192 -10.38 -15.25 13.16
N ASP B 193 -10.64 -16.34 12.38
CA ASP B 193 -11.74 -16.40 11.38
C ASP B 193 -11.52 -15.48 10.16
N TYR B 194 -10.27 -14.98 9.98
CA TYR B 194 -9.90 -14.22 8.80
C TYR B 194 -8.72 -14.89 8.11
N ILE B 195 -8.53 -14.63 6.82
CA ILE B 195 -7.37 -15.10 6.09
C ILE B 195 -6.61 -13.84 5.65
N SER B 196 -5.39 -13.63 6.21
CA SER B 196 -4.59 -12.50 5.77
C SER B 196 -3.81 -12.92 4.49
N VAL B 197 -3.35 -11.94 3.71
CA VAL B 197 -2.55 -12.23 2.51
C VAL B 197 -1.23 -12.97 2.93
N PHE B 198 -0.74 -12.74 4.16
CA PHE B 198 0.44 -13.42 4.71
C PHE B 198 0.09 -14.91 4.95
N GLU B 199 -1.04 -15.20 5.58
CA GLU B 199 -1.47 -16.59 5.79
C GLU B 199 -1.67 -17.28 4.44
N PHE B 200 -2.24 -16.59 3.46
CA PHE B 200 -2.43 -17.15 2.12
C PHE B 200 -1.06 -17.46 1.48
N ASP B 201 -0.09 -16.56 1.65
CA ASP B 201 1.25 -16.74 1.08
C ASP B 201 1.90 -17.99 1.70
N ILE B 202 1.76 -18.17 3.03
CA ILE B 202 2.35 -19.35 3.68
C ILE B 202 1.73 -20.65 3.14
N PHE B 203 0.40 -20.69 3.04
CA PHE B 203 -0.29 -21.91 2.60
C PHE B 203 0.09 -22.24 1.15
N THR B 204 0.13 -21.23 0.25
CA THR B 204 0.43 -21.49 -1.16
C THR B 204 1.90 -21.84 -1.41
N ARG B 205 2.79 -21.41 -0.54
CA ARG B 205 4.20 -21.80 -0.64
C ARG B 205 4.33 -23.28 -0.20
N LEU B 206 3.67 -23.66 0.89
CA LEU B 206 3.79 -25.02 1.39
C LEU B 206 3.20 -26.05 0.45
N PHE B 207 2.02 -25.73 -0.11
CA PHE B 207 1.29 -26.71 -0.89
C PHE B 207 1.29 -26.47 -2.39
N GLN B 208 2.25 -25.69 -2.88
CA GLN B 208 2.43 -25.45 -4.30
C GLN B 208 2.72 -26.79 -5.04
N PRO B 209 2.36 -26.92 -6.34
CA PRO B 209 1.86 -25.86 -7.24
C PRO B 209 0.38 -25.56 -7.01
N TRP B 210 0.02 -24.30 -7.23
CA TRP B 210 -1.33 -23.78 -7.07
C TRP B 210 -2.36 -24.60 -7.87
N GLY B 211 -2.01 -25.02 -9.08
CA GLY B 211 -2.92 -25.75 -9.96
C GLY B 211 -3.51 -27.02 -9.39
N SER B 212 -2.84 -27.63 -8.39
CA SER B 212 -3.38 -28.83 -7.74
C SER B 212 -3.27 -28.71 -6.21
N ILE B 213 -3.36 -27.47 -5.69
CA ILE B 213 -3.09 -27.18 -4.28
C ILE B 213 -3.87 -28.03 -3.28
N LEU B 214 -5.20 -28.22 -3.49
CA LEU B 214 -5.96 -29.02 -2.53
C LEU B 214 -5.64 -30.52 -2.61
N ARG B 215 -5.19 -31.04 -3.78
CA ARG B 215 -4.75 -32.42 -3.86
C ARG B 215 -3.43 -32.57 -3.09
N ASN B 216 -2.51 -31.62 -3.26
CA ASN B 216 -1.20 -31.60 -2.57
C ASN B 216 -1.41 -31.56 -1.09
N TRP B 217 -2.33 -30.72 -0.61
CA TRP B 217 -2.64 -30.59 0.80
C TRP B 217 -3.30 -31.85 1.37
N ASN B 218 -4.36 -32.33 0.74
CA ASN B 218 -5.04 -33.56 1.21
C ASN B 218 -4.04 -34.74 1.26
N PHE B 219 -3.14 -34.83 0.28
CA PHE B 219 -2.20 -35.97 0.27
C PHE B 219 -1.08 -35.75 1.33
N LEU B 220 -0.34 -34.67 1.22
CA LEU B 220 0.85 -34.42 2.07
C LEU B 220 0.56 -34.14 3.51
N ALA B 221 -0.49 -33.36 3.82
CA ALA B 221 -0.78 -33.03 5.21
C ALA B 221 -1.84 -33.91 5.86
N VAL B 222 -2.98 -34.11 5.19
CA VAL B 222 -4.06 -34.82 5.85
C VAL B 222 -3.86 -36.33 5.93
N THR B 223 -3.29 -36.96 4.88
CA THR B 223 -3.20 -38.43 4.91
C THR B 223 -1.78 -39.03 4.95
N HIS B 224 -0.73 -38.26 4.63
CA HIS B 224 0.63 -38.85 4.53
C HIS B 224 1.22 -39.20 5.90
N PRO B 225 1.75 -40.43 6.08
CA PRO B 225 2.27 -40.81 7.42
C PRO B 225 3.54 -40.08 7.85
N GLY B 226 4.24 -39.44 6.92
CA GLY B 226 5.45 -38.71 7.27
C GLY B 226 5.18 -37.31 7.84
N TYR B 227 3.91 -36.83 7.73
CA TYR B 227 3.55 -35.48 8.15
C TYR B 227 3.49 -35.36 9.67
N MET B 228 4.20 -34.39 10.23
CA MET B 228 4.28 -34.25 11.68
C MET B 228 3.75 -32.93 12.25
N ALA B 229 3.18 -32.06 11.40
CA ALA B 229 2.64 -30.75 11.83
C ALA B 229 3.82 -29.85 12.43
N PHE B 230 3.58 -28.94 13.39
CA PHE B 230 4.63 -28.10 13.91
C PHE B 230 5.47 -28.86 14.91
N LEU B 231 6.77 -29.01 14.61
CA LEU B 231 7.69 -29.68 15.54
C LEU B 231 8.93 -28.84 15.69
N THR B 232 9.62 -29.01 16.80
CA THR B 232 10.98 -28.44 16.94
C THR B 232 11.95 -29.53 16.41
N TYR B 233 13.23 -29.15 16.14
CA TYR B 233 14.21 -30.20 15.76
C TYR B 233 14.40 -31.23 16.89
N ASP B 234 14.32 -30.81 18.19
CA ASP B 234 14.45 -31.77 19.30
C ASP B 234 13.37 -32.84 19.18
N GLU B 235 12.15 -32.43 18.82
CA GLU B 235 11.02 -33.34 18.66
C GLU B 235 11.19 -34.26 17.44
N VAL B 236 11.74 -33.73 16.35
CA VAL B 236 12.05 -34.55 15.15
C VAL B 236 13.05 -35.65 15.53
N LYS B 237 14.13 -35.27 16.23
CA LYS B 237 15.16 -36.24 16.65
C LYS B 237 14.55 -37.31 17.54
N ALA B 238 13.70 -36.91 18.49
CA ALA B 238 13.07 -37.82 19.42
C ALA B 238 12.17 -38.82 18.67
N ARG B 239 11.47 -38.36 17.63
CA ARG B 239 10.57 -39.20 16.84
C ARG B 239 11.40 -40.20 16.02
N LEU B 240 12.53 -39.74 15.40
CA LEU B 240 13.32 -40.60 14.53
C LEU B 240 14.37 -41.49 15.22
N GLN B 241 14.71 -41.21 16.49
CA GLN B 241 15.75 -41.95 17.21
C GLN B 241 15.48 -43.46 17.28
N LYS B 242 14.20 -43.90 17.43
CA LYS B 242 13.90 -45.33 17.46
C LYS B 242 14.15 -46.01 16.10
N TYR B 243 14.31 -45.23 15.02
CA TYR B 243 14.59 -45.77 13.70
C TYR B 243 16.03 -45.46 13.26
N SER B 244 16.95 -45.12 14.20
CA SER B 244 18.32 -44.80 13.80
C SER B 244 19.00 -45.94 13.06
N THR B 245 18.55 -47.20 13.31
CA THR B 245 19.11 -48.36 12.59
C THR B 245 18.40 -48.61 11.26
N LYS B 246 17.48 -47.76 10.85
CA LYS B 246 16.77 -47.88 9.58
C LYS B 246 16.96 -46.61 8.77
N PRO B 247 18.15 -46.48 8.13
CA PRO B 247 18.38 -45.34 7.22
C PRO B 247 17.26 -45.22 6.19
N GLY B 248 16.95 -43.98 5.86
CA GLY B 248 15.84 -43.74 4.95
C GLY B 248 14.56 -43.45 5.71
N SER B 249 14.48 -43.74 7.03
CA SER B 249 13.29 -43.37 7.81
C SER B 249 13.25 -41.82 7.86
N TYR B 250 12.07 -41.26 7.61
CA TYR B 250 11.96 -39.81 7.50
C TYR B 250 10.66 -39.29 7.97
N ILE B 251 10.63 -37.99 8.29
CA ILE B 251 9.39 -37.30 8.59
C ILE B 251 9.54 -35.88 8.03
N PHE B 252 8.43 -35.16 7.88
CA PHE B 252 8.50 -33.75 7.45
C PHE B 252 7.63 -32.92 8.34
N ARG B 253 8.11 -31.74 8.73
CA ARG B 253 7.41 -30.91 9.70
C ARG B 253 7.35 -29.48 9.26
N LEU B 254 6.47 -28.73 9.92
CA LEU B 254 6.38 -27.27 9.81
C LEU B 254 7.19 -26.72 10.99
N SER B 255 7.63 -25.47 10.87
CA SER B 255 8.42 -24.86 11.93
C SER B 255 7.82 -23.49 12.22
N CYS B 256 7.51 -23.23 13.50
CA CYS B 256 6.92 -21.95 13.83
C CYS B 256 7.93 -20.80 13.62
N THR B 257 9.26 -21.10 13.54
CA THR B 257 10.29 -20.06 13.27
C THR B 257 10.70 -19.97 11.79
N ARG B 258 10.09 -20.75 10.91
CA ARG B 258 10.41 -20.77 9.48
C ARG B 258 9.08 -21.00 8.76
N LEU B 259 8.16 -20.04 8.89
CA LEU B 259 6.82 -20.20 8.28
C LEU B 259 6.90 -20.26 6.77
N GLY B 260 6.07 -21.11 6.18
CA GLY B 260 6.01 -21.29 4.75
C GLY B 260 7.02 -22.26 4.17
N GLN B 261 7.83 -22.91 5.03
CA GLN B 261 8.81 -23.88 4.57
C GLN B 261 8.70 -25.18 5.31
N TRP B 262 9.02 -26.26 4.60
CA TRP B 262 9.03 -27.59 5.18
C TRP B 262 10.46 -27.89 5.67
N ALA B 263 10.57 -28.85 6.60
CA ALA B 263 11.87 -29.33 7.04
C ALA B 263 11.75 -30.84 7.07
N ILE B 264 12.59 -31.57 6.31
CA ILE B 264 12.51 -33.02 6.27
C ILE B 264 13.62 -33.61 7.12
N GLY B 265 13.27 -34.31 8.20
CA GLY B 265 14.28 -34.97 9.03
C GLY B 265 14.38 -36.40 8.57
N TYR B 266 15.62 -36.93 8.49
CA TYR B 266 15.77 -38.29 8.00
C TYR B 266 16.96 -39.00 8.63
N VAL B 267 16.92 -40.32 8.63
CA VAL B 267 18.04 -41.10 9.17
C VAL B 267 19.06 -41.42 8.06
N THR B 268 20.33 -41.03 8.24
CA THR B 268 21.39 -41.28 7.26
C THR B 268 21.89 -42.74 7.37
N GLY B 269 22.72 -43.16 6.42
CA GLY B 269 23.30 -44.50 6.43
C GLY B 269 24.11 -44.82 7.66
N ASP B 270 24.74 -43.82 8.32
CA ASP B 270 25.52 -44.11 9.54
C ASP B 270 24.72 -43.98 10.85
N GLY B 271 23.41 -43.89 10.76
CA GLY B 271 22.56 -43.82 11.94
C GLY B 271 22.37 -42.44 12.53
N ASN B 272 22.87 -41.38 11.85
CA ASN B 272 22.64 -40.01 12.34
C ASN B 272 21.34 -39.47 11.79
N ILE B 273 20.77 -38.46 12.45
CA ILE B 273 19.54 -37.86 12.01
C ILE B 273 19.88 -36.49 11.49
N LEU B 274 19.63 -36.26 10.18
CA LEU B 274 19.89 -34.94 9.60
C LEU B 274 18.58 -34.33 9.08
N GLN B 275 18.64 -33.07 8.62
CA GLN B 275 17.48 -32.49 7.98
C GLN B 275 17.86 -31.69 6.74
N THR B 276 16.88 -31.53 5.85
CA THR B 276 17.00 -30.73 4.63
C THR B 276 15.79 -29.78 4.57
N ILE B 277 15.99 -28.57 4.07
CA ILE B 277 14.91 -27.62 3.86
C ILE B 277 14.80 -27.51 2.35
N PRO B 278 13.72 -28.02 1.74
CA PRO B 278 13.59 -27.92 0.27
C PRO B 278 13.04 -26.53 -0.09
N HIS B 279 13.91 -25.54 -0.12
CA HIS B 279 13.59 -24.12 -0.25
C HIS B 279 12.73 -23.68 -1.48
N ASN B 280 12.96 -24.19 -2.72
CA ASN B 280 12.18 -23.66 -3.85
C ASN B 280 11.32 -24.66 -4.62
N LYS B 281 11.42 -25.97 -4.34
CA LYS B 281 10.61 -26.96 -5.05
C LYS B 281 9.36 -27.42 -4.28
N PRO B 282 8.33 -27.94 -4.98
CA PRO B 282 7.17 -28.50 -4.27
C PRO B 282 7.60 -29.68 -3.37
N LEU B 283 6.96 -29.86 -2.20
CA LEU B 283 7.37 -30.91 -1.27
C LEU B 283 7.35 -32.31 -1.90
N PHE B 284 6.32 -32.63 -2.69
CA PHE B 284 6.25 -33.95 -3.29
C PHE B 284 7.41 -34.22 -4.22
N GLN B 285 7.88 -33.22 -4.94
CA GLN B 285 9.02 -33.41 -5.83
C GLN B 285 10.29 -33.64 -5.00
N ALA B 286 10.44 -32.94 -3.87
CA ALA B 286 11.57 -33.17 -2.97
C ALA B 286 11.51 -34.61 -2.41
N LEU B 287 10.32 -35.11 -2.06
CA LEU B 287 10.19 -36.46 -1.51
C LEU B 287 10.42 -37.52 -2.62
N ILE B 288 9.94 -37.26 -3.85
CA ILE B 288 10.16 -38.18 -4.98
C ILE B 288 11.64 -38.25 -5.30
N ASP B 289 12.30 -37.08 -5.43
CA ASP B 289 13.73 -37.06 -5.73
C ASP B 289 14.53 -37.76 -4.63
N GLY B 290 14.17 -37.50 -3.38
CA GLY B 290 14.86 -38.10 -2.23
C GLY B 290 14.63 -39.58 -2.11
N SER B 291 13.48 -40.07 -2.56
CA SER B 291 13.19 -41.51 -2.56
C SER B 291 14.09 -42.18 -3.61
N ARG B 292 14.16 -41.62 -4.83
CA ARG B 292 14.99 -42.14 -5.92
C ARG B 292 16.46 -42.19 -5.55
N GLU B 293 16.92 -41.19 -4.80
CA GLU B 293 18.32 -41.14 -4.38
C GLU B 293 18.60 -41.98 -3.13
N GLY B 294 17.59 -42.63 -2.57
CA GLY B 294 17.74 -43.54 -1.46
C GLY B 294 17.75 -42.92 -0.08
N PHE B 295 17.36 -41.64 0.02
CA PHE B 295 17.34 -40.92 1.30
C PHE B 295 16.00 -40.98 2.05
N TYR B 296 14.87 -40.89 1.33
CA TYR B 296 13.55 -40.85 1.98
C TYR B 296 12.81 -42.11 1.58
N LEU B 297 12.85 -43.15 2.41
CA LEU B 297 12.26 -44.45 2.09
C LEU B 297 11.13 -44.86 2.99
N TYR B 298 11.19 -44.52 4.31
CA TYR B 298 10.23 -45.06 5.25
C TYR B 298 9.61 -43.93 6.05
N PRO B 299 8.42 -43.45 5.66
CA PRO B 299 7.81 -42.32 6.38
C PRO B 299 7.41 -42.74 7.79
N ASP B 300 7.92 -42.01 8.80
CA ASP B 300 7.73 -42.33 10.20
C ASP B 300 8.17 -43.81 10.50
N GLY B 301 9.23 -44.28 9.81
CA GLY B 301 9.77 -45.62 10.03
C GLY B 301 8.97 -46.75 9.39
N ARG B 302 7.87 -46.43 8.70
CA ARG B 302 6.97 -47.42 8.08
C ARG B 302 7.48 -47.98 6.80
N SER B 303 7.27 -49.29 6.58
CA SER B 303 7.74 -50.00 5.40
C SER B 303 7.13 -49.48 4.11
N TYR B 304 5.89 -48.95 4.17
CA TYR B 304 5.24 -48.48 2.98
C TYR B 304 5.42 -47.01 2.77
N ASN B 305 5.94 -46.63 1.60
CA ASN B 305 6.15 -45.22 1.27
C ASN B 305 5.14 -44.90 0.18
N PRO B 306 4.13 -44.05 0.47
CA PRO B 306 3.11 -43.73 -0.54
C PRO B 306 3.68 -43.21 -1.86
N ASP B 307 3.15 -43.68 -2.98
CA ASP B 307 3.59 -43.24 -4.30
C ASP B 307 3.04 -41.81 -4.53
N LEU B 308 3.93 -40.83 -4.72
CA LEU B 308 3.51 -39.44 -4.90
C LEU B 308 3.52 -38.97 -6.35
N THR B 309 3.89 -39.85 -7.31
CA THR B 309 4.00 -39.47 -8.72
C THR B 309 2.68 -39.01 -9.34
N GLY B 310 1.56 -39.37 -8.77
CA GLY B 310 0.27 -38.90 -9.24
C GLY B 310 0.13 -37.39 -9.10
N LEU B 311 0.92 -36.77 -8.18
CA LEU B 311 0.94 -35.32 -7.94
C LEU B 311 1.75 -34.54 -9.00
N CYS B 312 2.55 -35.24 -9.81
CA CYS B 312 3.31 -34.62 -10.90
C CYS B 312 2.37 -34.32 -12.10
N GLU B 313 1.33 -35.17 -12.31
CA GLU B 313 0.37 -35.02 -13.41
C GLU B 313 -1.02 -34.69 -12.86
N LYS B 321 -10.59 -40.42 -1.35
CA LYS B 321 -9.17 -40.38 -1.00
C LYS B 321 -9.00 -40.03 0.49
N VAL B 322 -9.92 -39.24 1.08
CA VAL B 322 -9.78 -38.86 2.50
C VAL B 322 -11.03 -39.19 3.27
N THR B 323 -10.91 -39.92 4.38
CA THR B 323 -12.08 -40.26 5.18
C THR B 323 -12.48 -39.10 6.08
N GLN B 324 -13.73 -39.14 6.56
CA GLN B 324 -14.20 -38.13 7.50
C GLN B 324 -13.38 -38.27 8.82
N GLU B 325 -12.99 -39.50 9.23
CA GLU B 325 -12.14 -39.70 10.41
C GLU B 325 -10.74 -39.06 10.22
N GLN B 326 -10.16 -39.17 9.01
CA GLN B 326 -8.86 -38.57 8.75
C GLN B 326 -8.93 -37.02 8.90
N TYR B 327 -10.01 -36.39 8.46
CA TYR B 327 -10.17 -34.93 8.65
C TYR B 327 -10.33 -34.59 10.13
N GLU B 328 -11.14 -35.39 10.83
CA GLU B 328 -11.38 -35.22 12.27
C GLU B 328 -10.07 -35.30 13.06
N LEU B 329 -9.24 -36.32 12.80
CA LEU B 329 -7.97 -36.51 13.50
C LEU B 329 -7.04 -35.34 13.23
N TYR B 330 -6.97 -34.90 11.98
CA TYR B 330 -6.12 -33.77 11.62
C TYR B 330 -6.55 -32.49 12.36
N CYS B 331 -7.84 -32.28 12.57
CA CYS B 331 -8.35 -31.08 13.25
C CYS B 331 -8.08 -31.03 14.73
N GLU B 332 -7.83 -32.18 15.40
CA GLU B 332 -7.61 -32.23 16.87
C GLU B 332 -6.57 -31.21 17.32
N MET B 333 -5.48 -31.05 16.56
CA MET B 333 -4.44 -30.09 16.98
C MET B 333 -4.83 -28.63 16.80
N GLY B 334 -5.83 -28.34 15.99
CA GLY B 334 -6.26 -26.97 15.76
C GLY B 334 -7.29 -26.45 16.75
N SER B 335 -7.86 -25.27 16.42
CA SER B 335 -8.89 -24.57 17.20
C SER B 335 -10.11 -24.34 16.32
N THR B 336 -10.79 -25.42 15.94
CA THR B 336 -11.99 -25.27 15.09
C THR B 336 -13.22 -25.91 15.70
N PHE B 337 -13.18 -26.34 16.98
CA PHE B 337 -14.32 -26.97 17.64
C PHE B 337 -15.55 -26.05 17.64
N GLN B 338 -15.37 -24.74 17.64
CA GLN B 338 -16.49 -23.81 17.68
C GLN B 338 -17.22 -23.68 16.33
N LEU B 339 -16.61 -24.15 15.24
CA LEU B 339 -17.15 -23.99 13.90
C LEU B 339 -18.20 -25.04 13.61
N CYS B 340 -19.29 -24.65 12.91
CA CYS B 340 -20.31 -25.61 12.52
C CYS B 340 -19.70 -26.58 11.51
N LYS B 341 -19.76 -27.86 11.78
CA LYS B 341 -19.17 -28.88 10.92
C LYS B 341 -19.94 -29.10 9.59
N ILE B 342 -21.20 -28.61 9.53
CA ILE B 342 -21.99 -28.83 8.32
C ILE B 342 -21.57 -27.81 7.27
N CYS B 343 -21.60 -26.52 7.60
CA CYS B 343 -21.30 -25.45 6.63
C CYS B 343 -19.82 -25.04 6.66
N ALA B 344 -19.16 -25.21 7.82
CA ALA B 344 -17.77 -24.76 8.02
C ALA B 344 -17.60 -23.26 7.75
N GLU B 345 -18.66 -22.46 8.00
CA GLU B 345 -18.55 -21.01 7.81
C GLU B 345 -19.17 -20.21 8.93
N ASN B 346 -20.03 -20.80 9.73
CA ASN B 346 -20.64 -20.11 10.86
C ASN B 346 -20.26 -20.87 12.11
N ASP B 347 -20.20 -20.18 13.24
CA ASP B 347 -19.91 -20.88 14.48
C ASP B 347 -21.16 -21.58 14.99
N LYS B 348 -20.95 -22.65 15.76
CA LYS B 348 -22.00 -23.39 16.43
C LYS B 348 -22.72 -22.41 17.37
N ASP B 349 -24.03 -22.30 17.24
CA ASP B 349 -24.78 -21.38 18.10
C ASP B 349 -26.09 -21.99 18.60
N VAL B 350 -26.33 -23.32 18.34
CA VAL B 350 -27.53 -23.97 18.82
C VAL B 350 -27.19 -25.38 19.28
N LYS B 351 -27.80 -25.78 20.39
CA LYS B 351 -27.64 -27.11 20.97
C LYS B 351 -28.96 -27.84 20.87
N ILE B 352 -28.93 -29.09 20.41
CA ILE B 352 -30.16 -29.89 20.32
C ILE B 352 -30.30 -30.71 21.56
N GLU B 353 -31.53 -30.83 22.07
CA GLU B 353 -31.88 -31.63 23.24
C GLU B 353 -32.76 -32.78 22.75
N PRO B 354 -32.55 -34.01 23.24
CA PRO B 354 -31.59 -34.39 24.30
C PRO B 354 -30.20 -34.87 23.85
N CYS B 355 -29.96 -35.04 22.54
CA CYS B 355 -28.68 -35.59 22.08
C CYS B 355 -27.45 -34.71 22.38
N GLY B 356 -27.63 -33.39 22.44
CA GLY B 356 -26.55 -32.46 22.74
C GLY B 356 -25.69 -32.06 21.55
N HIS B 357 -26.08 -32.45 20.31
CA HIS B 357 -25.29 -32.09 19.14
C HIS B 357 -25.38 -30.59 18.91
N LEU B 358 -24.30 -29.99 18.41
CA LEU B 358 -24.17 -28.57 18.20
C LEU B 358 -24.00 -28.25 16.73
N MET B 359 -24.58 -27.11 16.28
CA MET B 359 -24.39 -26.69 14.89
C MET B 359 -24.82 -25.20 14.83
N CYS B 360 -24.76 -24.57 13.65
CA CYS B 360 -25.30 -23.21 13.53
C CYS B 360 -26.81 -23.28 13.27
N THR B 361 -27.53 -22.21 13.65
CA THR B 361 -28.99 -22.19 13.47
C THR B 361 -29.39 -22.21 12.00
N SER B 362 -28.56 -21.62 11.13
CA SER B 362 -28.83 -21.60 9.70
C SER B 362 -28.85 -23.05 9.15
N CYS B 363 -27.92 -23.91 9.57
CA CYS B 363 -27.91 -25.33 9.12
C CYS B 363 -29.04 -26.14 9.70
N LEU B 364 -29.37 -25.88 10.97
CA LEU B 364 -30.48 -26.60 11.57
C LEU B 364 -31.80 -26.21 10.88
N THR B 365 -31.98 -24.93 10.60
CA THR B 365 -33.20 -24.43 9.91
C THR B 365 -33.32 -25.03 8.52
N ALA B 366 -32.20 -25.09 7.76
CA ALA B 366 -32.18 -25.70 6.43
C ALA B 366 -32.59 -27.19 6.53
N TRP B 367 -32.07 -27.92 7.56
CA TRP B 367 -32.41 -29.34 7.74
C TRP B 367 -33.89 -29.50 8.03
N GLN B 368 -34.41 -28.66 8.94
CA GLN B 368 -35.81 -28.75 9.31
C GLN B 368 -36.72 -28.35 8.15
N GLU B 369 -36.31 -27.37 7.33
CA GLU B 369 -37.09 -26.94 6.16
C GLU B 369 -37.03 -27.97 5.01
N SER B 370 -36.11 -28.96 5.09
CA SER B 370 -36.02 -30.07 4.14
C SER B 370 -36.82 -31.30 4.63
N ASP B 371 -37.50 -31.21 5.77
CA ASP B 371 -38.21 -32.33 6.39
C ASP B 371 -37.20 -33.49 6.68
N GLY B 372 -35.96 -33.12 7.05
CA GLY B 372 -34.94 -34.06 7.47
C GLY B 372 -35.41 -34.60 8.81
N GLN B 373 -35.11 -35.89 9.09
CA GLN B 373 -35.64 -36.46 10.34
C GLN B 373 -34.72 -36.16 11.52
N GLY B 374 -35.32 -35.68 12.59
CA GLY B 374 -34.63 -35.37 13.83
C GLY B 374 -33.35 -34.55 13.72
N CYS B 375 -32.40 -34.87 14.61
CA CYS B 375 -31.12 -34.18 14.61
C CYS B 375 -30.34 -34.50 13.31
N PRO B 376 -29.71 -33.50 12.64
CA PRO B 376 -28.96 -33.82 11.41
C PRO B 376 -27.84 -34.83 11.60
N PHE B 377 -27.24 -34.87 12.79
CA PHE B 377 -26.11 -35.78 13.05
C PHE B 377 -26.52 -37.20 13.45
N CYS B 378 -27.48 -37.34 14.36
CA CYS B 378 -27.86 -38.66 14.89
C CYS B 378 -29.30 -39.11 14.59
N ARG B 379 -30.10 -38.24 13.96
CA ARG B 379 -31.48 -38.51 13.57
C ARG B 379 -32.46 -38.72 14.74
N CYS B 380 -32.00 -38.48 15.99
CA CYS B 380 -32.90 -38.61 17.15
C CYS B 380 -33.90 -37.48 17.20
N GLU B 381 -35.10 -37.73 17.77
CA GLU B 381 -36.15 -36.72 17.87
C GLU B 381 -35.64 -35.46 18.61
N ILE B 382 -35.93 -34.29 18.05
CA ILE B 382 -35.51 -33.04 18.68
C ILE B 382 -36.60 -32.66 19.66
N LYS B 383 -36.32 -32.71 20.94
CA LYS B 383 -37.27 -32.31 21.98
C LYS B 383 -37.19 -30.81 22.30
N GLY B 384 -36.08 -30.19 21.96
CA GLY B 384 -35.87 -28.77 22.18
C GLY B 384 -34.54 -28.33 21.66
N THR B 385 -34.40 -27.02 21.50
CA THR B 385 -33.15 -26.41 21.11
C THR B 385 -32.83 -25.28 22.08
N GLU B 386 -31.58 -24.86 22.13
CA GLU B 386 -31.16 -23.83 23.04
C GLU B 386 -30.02 -23.04 22.41
N PRO B 387 -30.05 -21.69 22.41
CA PRO B 387 -28.89 -20.96 21.90
C PRO B 387 -27.67 -21.24 22.78
N ILE B 388 -26.49 -21.26 22.19
CA ILE B 388 -25.26 -21.56 22.94
C ILE B 388 -24.09 -20.82 22.34
N ILE B 389 -23.02 -20.63 23.13
CA ILE B 389 -21.78 -20.02 22.67
C ILE B 389 -20.71 -21.07 22.88
N VAL B 390 -20.03 -21.47 21.81
CA VAL B 390 -19.01 -22.50 21.90
C VAL B 390 -17.60 -21.92 21.81
N ASP B 391 -16.75 -22.32 22.71
CA ASP B 391 -15.37 -21.85 22.72
C ASP B 391 -14.49 -22.88 22.00
N PRO B 392 -13.47 -22.45 21.24
CA PRO B 392 -12.59 -23.43 20.59
C PRO B 392 -11.97 -24.48 21.54
N PHE B 393 -11.88 -24.19 22.85
CA PHE B 393 -11.31 -25.14 23.85
C PHE B 393 -12.38 -25.88 24.68
N ASP B 394 -13.66 -25.84 24.26
CA ASP B 394 -14.73 -26.59 24.95
C ASP B 394 -14.61 -28.09 24.63
C1 A1IE5 C . -4.36 13.63 -11.24
C2 A1IE5 C . -3.82 14.84 -10.85
C3 A1IE5 C . -2.52 15.11 -11.20
C7 A1IE5 C . 0.00 12.20 -12.85
C8 A1IE5 C . -1.87 16.41 -10.79
C9 A1IE5 C . 0.39 17.47 -10.93
C10 A1IE5 C . 1.35 17.72 -11.91
C11 A1IE5 C . 2.37 18.60 -11.66
C12 A1IE5 C . 2.44 19.25 -10.43
C13 A1IE5 C . 1.49 19.02 -9.44
C14 A1IE5 C . 0.46 18.11 -9.70
C15 A1IE5 C . 1.59 19.74 -8.10
C16 A1IE5 C . 3.03 19.63 -7.57
C19 A1IE5 C . 1.14 21.19 -8.22
O1 A1IE5 C . 0.14 17.48 -5.77
C18 A1IE5 C . 1.01 18.01 -6.42
N3 A1IE5 C . 2.27 17.57 -6.49
C17 A1IE5 C . 3.36 18.18 -7.25
O2 A1IE5 C . 0.66 19.11 -7.15
N2 A1IE5 C . -0.62 16.54 -11.28
O A1IE5 C . -2.44 17.23 -10.09
N A1IE5 C . -1.78 14.26 -11.92
C4 A1IE5 C . -2.36 13.10 -12.27
C5 A1IE5 C . -1.49 12.17 -13.05
C6 A1IE5 C . -0.58 12.73 -14.12
N1 A1IE5 C . -3.63 12.75 -11.97
C A1IE5 C . -5.77 13.22 -10.91
ZN ZN D . 23.13 18.99 -7.56
ZN ZN E . 24.88 5.37 -4.47
NA NA F . 7.54 27.38 -15.54
C1 A1IE5 G . 2.44 -30.35 18.51
C2 A1IE5 G . 2.10 -29.73 17.32
C3 A1IE5 G . 0.91 -29.02 17.27
C7 A1IE5 G . -1.92 -29.28 20.34
C8 A1IE5 G . 0.48 -28.34 16.00
C9 A1IE5 G . -1.51 -27.08 15.14
C10 A1IE5 G . -2.31 -26.03 15.54
C11 A1IE5 G . -3.16 -25.41 14.63
C12 A1IE5 G . -3.20 -25.84 13.31
C13 A1IE5 G . -2.40 -26.90 12.90
C14 A1IE5 G . -1.55 -27.53 13.81
C15 A1IE5 G . -2.47 -27.39 11.45
C16 A1IE5 G . -3.94 -27.56 11.04
C19 A1IE5 G . -1.74 -26.40 10.53
O1 A1IE5 G . -1.70 -30.85 11.63
C18 A1IE5 G . -2.38 -29.86 11.60
N3 A1IE5 G . -3.70 -29.85 11.84
C17 A1IE5 G . -4.59 -28.69 11.82
O2 A1IE5 G . -1.77 -28.67 11.33
N2 A1IE5 G . -0.69 -27.65 16.13
O A1IE5 G . 1.14 -28.41 14.97
N A1IE5 G . 0.10 -28.93 18.33
C4 A1IE5 G . 0.49 -29.55 19.44
C5 A1IE5 G . -0.44 -29.42 20.60
C6 A1IE5 G . -1.14 -28.11 20.84
N1 A1IE5 G . 1.64 -30.26 19.60
C A1IE5 G . 3.71 -31.15 18.68
ZN ZN H . -23.72 -24.47 9.84
ZN ZN I . -28.03 -35.43 17.63
NA NA J . -6.33 -15.80 10.39
#